data_7G6U
#
_entry.id   7G6U
#
_cell.length_a   83.704
_cell.length_b   91.407
_cell.length_c   119.207
_cell.angle_alpha   90.000
_cell.angle_beta   90.000
_cell.angle_gamma   90.000
#
_symmetry.space_group_name_H-M   'P 21 21 21'
#
loop_
_entity.id
_entity.type
_entity.pdbx_description
1 polymer 'Isoform 2 of Ectonucleotide pyrophosphatase/phosphodiesterase family member 2'
2 branched alpha-D-mannopyranose-(1-2)-alpha-D-mannopyranose-(1-3)-alpha-D-mannopyranose-(1-6)-[alpha-D-mannopyranose-(1-2)-alpha-D-mannopyranose-(1-3)]beta-D-mannopyranose-(1-4)-2-acetamido-2-deoxy-beta-D-glucopyranose-(1-4)-2-acetamido-2-deoxy-beta-D-glucopyranose
3 non-polymer N-cyclopentyl-4-[3-(2-{[(3,4-dichlorophenyl)methyl]amino}-2-oxoethyl)-4-oxo-3,4-dihydroquinazolin-6-yl]piperazine-1-carboxamide
4 non-polymer '2-(N-MORPHOLINO)-ETHANESULFONIC ACID'
5 non-polymer 'ACETATE ION'
6 non-polymer 'CALCIUM ION'
7 non-polymer 'ZINC ION'
8 non-polymer 'SODIUM ION'
9 water water
#
_entity_poly.entity_id   1
_entity_poly.type   'polypeptide(L)'
_entity_poly.pdbx_seq_one_letter_code
;FTASRIKRAEWDEGPPTVLSDSPWTATSGSCKGRCFELQEVGPPDCRCDNLCKSYSSCCHDFDELCLKTARGWECTKDRC
GEVRNEENACHCSEDCLSRGDCCTNYQVVCKGESHWVDDDCEEIKVPECPAGFVRPPLIIFSVDGFRASYMKKGSKVMPN
IEKLRSCGTHAPYMRPVYPTKTFPNLYTLATGLYPESHGIVGNSMYDPVFDASFHLRGREKFNHRWWGGQPLWITATKQG
VRAGTFFWSVSIPHERRILTILQWLSLPDNERPSVYAFYSEQPDFSGHKYGPFGPEMTNPLREIDKTVGQLMDGLKQLRL
HRCVNVIFVGDHGMEDVTCDRTEFLSNYLTNVDDITLVPGTLGRIRAKSINNSKYDPKTIIAALTCKKPDQHFKPYMKQH
LPKRLHYANNRRIEDIHLLVDRRWHVARKPLDVYKKPSGKCFFQGDHGFDNKVNSMQTVFVGYGPTFKYRTKVPPFENIE
LYNVMCDLLGLKPAPNNGTHGSLNHLLRTNTFRPTMPDEVSRPNYPGIMYLQSEFDLGCTCDDKVEPKNKLEELNKRLHT
KGSTKERHLLYGRPAVLYRTSYDILYHTDFESGYSEIFLMPLWTSYTISKQAEVSSIPEHLTNCVRPDVRVSPGFSQNCL
AYKNDKQMSYGFLFPPYLSSSPEAKYDAFLVTNMVPMYPAFKRVWAYFQRVLVKKYASERNGVNVISGPIFDYNYDGLRD
TEDEIKQYVEGSSIPVPTHYYSIITSCLDFTQPADKCDGPLSVSSFILPHRPDNDESCNSSEDESKWVEELMKMHTARVR
DIEHLTGLDFYRKTSRSYSEILTLKTYLHTYESEIGGRHHHHHHHH
;
_entity_poly.pdbx_strand_id   A
#
loop_
_chem_comp.id
_chem_comp.type
_chem_comp.name
_chem_comp.formula
ACT non-polymer 'ACETATE ION' 'C2 H3 O2 -1'
BMA D-saccharide, beta linking beta-D-mannopyranose 'C6 H12 O6'
CA non-polymer 'CALCIUM ION' 'Ca 2'
MAN D-saccharide, alpha linking alpha-D-mannopyranose 'C6 H12 O6'
MES non-polymer '2-(N-MORPHOLINO)-ETHANESULFONIC ACID' 'C6 H13 N O4 S'
NA non-polymer 'SODIUM ION' 'Na 1'
NAG D-saccharide, beta linking 2-acetamido-2-deoxy-beta-D-glucopyranose 'C8 H15 N O6'
XFT non-polymer N-cyclopentyl-4-[3-(2-{[(3,4-dichlorophenyl)methyl]amino}-2-oxoethyl)-4-oxo-3,4-dihydroquinazolin-6-yl]piperazine-1-carboxamide 'C27 H30 Cl2 N6 O3'
ZN non-polymer 'ZINC ION' 'Zn 2'
#
# COMPACT_ATOMS: atom_id res chain seq x y z
N TRP A 24 -24.76 10.63 30.92
CA TRP A 24 -24.56 11.58 32.06
C TRP A 24 -23.12 11.58 32.58
N THR A 25 -22.56 12.79 32.73
CA THR A 25 -21.27 12.98 33.41
C THR A 25 -21.44 13.86 34.66
N ALA A 26 -20.94 13.35 35.78
CA ALA A 26 -20.93 14.09 37.04
C ALA A 26 -19.71 14.99 37.10
N THR A 27 -19.70 16.05 36.26
CA THR A 27 -18.51 16.92 36.05
C THR A 27 -18.04 17.76 37.26
N SER A 28 -18.71 17.55 38.41
CA SER A 28 -18.34 18.16 39.69
C SER A 28 -17.25 17.42 40.51
N GLY A 29 -16.64 16.37 39.97
CA GLY A 29 -15.29 15.90 40.40
C GLY A 29 -14.21 16.93 39.99
N SER A 30 -12.94 16.70 40.33
CA SER A 30 -11.87 17.70 40.03
C SER A 30 -10.60 17.15 39.30
N CYS A 31 -10.01 17.96 38.42
CA CYS A 31 -8.75 17.58 37.75
C CYS A 31 -7.45 17.91 38.51
N LYS A 32 -7.60 18.44 39.72
CA LYS A 32 -6.47 18.71 40.59
C LYS A 32 -5.55 17.46 40.73
N GLY A 33 -4.26 17.65 40.43
CA GLY A 33 -3.30 16.52 40.28
C GLY A 33 -3.59 15.46 39.20
N ARG A 34 -4.52 15.70 38.28
CA ARG A 34 -4.97 14.72 37.28
C ARG A 34 -4.77 15.20 35.83
N CYS A 35 -4.14 16.34 35.64
CA CYS A 35 -4.16 16.97 34.31
C CYS A 35 -3.44 16.07 33.32
N PHE A 36 -4.14 15.67 32.27
CA PHE A 36 -3.59 14.82 31.22
C PHE A 36 -3.17 13.47 31.75
N GLU A 37 -4.01 12.96 32.66
CA GLU A 37 -3.82 11.61 33.18
C GLU A 37 -3.90 10.67 31.98
N LEU A 38 -3.19 9.55 32.08
CA LEU A 38 -3.12 8.65 30.94
C LEU A 38 -4.23 7.62 30.94
N GLN A 39 -4.65 7.16 32.11
CA GLN A 39 -5.71 6.17 32.19
C GLN A 39 -7.03 6.93 32.19
N GLU A 40 -7.92 6.61 31.25
CA GLU A 40 -9.23 7.24 31.20
C GLU A 40 -10.15 6.61 32.26
N VAL A 41 -10.79 7.45 33.07
CA VAL A 41 -11.75 6.96 34.06
C VAL A 41 -13.16 6.85 33.44
N GLY A 42 -13.94 5.90 33.97
CA GLY A 42 -15.23 5.53 33.39
C GLY A 42 -16.39 6.37 33.89
N PRO A 43 -17.42 6.54 33.03
CA PRO A 43 -18.68 7.22 33.37
C PRO A 43 -19.29 6.77 34.72
N PRO A 44 -20.05 7.66 35.40
CA PRO A 44 -20.24 9.08 35.04
C PRO A 44 -19.17 10.00 35.62
N ASP A 45 -18.10 9.43 36.20
CA ASP A 45 -16.99 10.21 36.78
C ASP A 45 -16.38 11.10 35.71
N CYS A 46 -16.00 12.31 36.09
CA CYS A 46 -15.47 13.25 35.11
C CYS A 46 -13.99 12.97 34.75
N ARG A 47 -13.61 13.39 33.55
CA ARG A 47 -12.34 12.98 32.98
C ARG A 47 -11.39 14.16 32.89
N CYS A 48 -10.09 13.87 32.89
CA CYS A 48 -9.03 14.90 32.81
C CYS A 48 -7.99 14.50 31.76
N ASP A 49 -8.29 13.46 30.98
CA ASP A 49 -7.37 13.00 29.89
C ASP A 49 -7.46 13.87 28.62
N ASN A 50 -6.51 13.67 27.69
CA ASN A 50 -6.46 14.48 26.46
C ASN A 50 -7.64 14.38 25.47
N LEU A 51 -8.57 13.45 25.71
CA LEU A 51 -9.77 13.33 24.91
C LEU A 51 -11.04 13.80 25.63
N CYS A 52 -10.94 14.20 26.90
CA CYS A 52 -12.19 14.53 27.63
C CYS A 52 -13.06 15.57 26.87
N LYS A 53 -12.42 16.58 26.28
CA LYS A 53 -13.18 17.61 25.51
C LYS A 53 -14.03 17.04 24.41
N SER A 54 -13.52 16.00 23.74
CA SER A 54 -14.25 15.32 22.64
C SER A 54 -15.56 14.68 23.09
N TYR A 55 -15.55 14.14 24.30
CA TYR A 55 -16.71 13.51 24.92
C TYR A 55 -17.61 14.47 25.69
N SER A 56 -17.24 15.77 25.73
CA SER A 56 -17.90 16.75 26.62
C SER A 56 -17.98 16.22 28.05
N SER A 57 -16.86 15.69 28.55
CA SER A 57 -16.87 14.98 29.81
C SER A 57 -15.80 15.48 30.78
N CYS A 58 -15.13 16.59 30.46
CA CYS A 58 -14.05 17.04 31.34
C CYS A 58 -14.64 17.54 32.66
N CYS A 59 -13.87 17.39 33.75
CA CYS A 59 -14.27 18.02 35.03
C CYS A 59 -14.39 19.52 34.91
N HIS A 60 -15.19 20.08 35.82
CA HIS A 60 -15.51 21.49 35.84
C HIS A 60 -14.27 22.40 35.81
N ASP A 61 -13.14 21.95 36.38
CA ASP A 61 -11.93 22.79 36.51
C ASP A 61 -10.80 22.40 35.54
N PHE A 62 -11.15 21.64 34.51
CA PHE A 62 -10.13 21.21 33.50
C PHE A 62 -9.52 22.42 32.79
N ASP A 63 -10.33 23.37 32.31
CA ASP A 63 -9.70 24.51 31.62
C ASP A 63 -8.75 25.28 32.53
N GLU A 64 -9.22 25.58 33.75
CA GLU A 64 -8.44 26.37 34.69
C GLU A 64 -7.11 25.71 35.05
N LEU A 65 -7.18 24.41 35.34
CA LEU A 65 -6.02 23.67 35.87
C LEU A 65 -5.11 23.13 34.76
N CYS A 66 -5.71 22.68 33.66
CA CYS A 66 -4.99 21.87 32.65
C CYS A 66 -4.68 22.60 31.38
N LEU A 67 -5.46 23.66 31.11
CA LEU A 67 -5.29 24.49 29.91
C LEU A 67 -4.85 25.90 30.26
N LYS A 68 -3.89 26.01 31.16
CA LYS A 68 -3.32 27.32 31.51
C LYS A 68 -2.67 27.96 30.32
N THR A 69 -2.87 29.26 30.18
CA THR A 69 -2.32 30.00 29.05
C THR A 69 -1.61 31.24 29.49
N ALA A 70 -1.67 31.55 30.80
CA ALA A 70 -1.11 32.82 31.27
C ALA A 70 0.36 33.00 30.92
N ARG A 71 0.62 34.16 30.30
CA ARG A 71 1.95 34.63 29.96
C ARG A 71 2.52 33.89 28.73
N GLY A 72 1.65 33.12 28.07
CA GLY A 72 1.99 32.50 26.76
C GLY A 72 3.00 31.38 26.90
N TRP A 73 3.72 31.10 25.81
CA TRP A 73 4.45 29.82 25.69
C TRP A 73 5.96 29.96 25.72
N GLU A 74 6.48 31.19 25.91
CA GLU A 74 7.91 31.41 25.79
C GLU A 74 8.48 32.18 26.99
N CYS A 75 9.65 31.76 27.45
CA CYS A 75 10.40 32.56 28.44
C CYS A 75 10.93 33.82 27.78
N THR A 76 11.07 34.87 28.58
CA THR A 76 11.73 36.12 28.13
C THR A 76 12.74 36.48 29.22
N LYS A 77 13.69 37.35 28.90
CA LYS A 77 14.76 37.69 29.87
C LYS A 77 14.23 38.10 31.24
N ASP A 78 13.17 38.92 31.28
CA ASP A 78 12.60 39.35 32.56
C ASP A 78 12.02 38.20 33.41
N ARG A 79 11.67 37.08 32.79
CA ARG A 79 11.07 35.97 33.53
C ARG A 79 12.10 35.04 34.15
N CYS A 80 13.36 35.14 33.70
CA CYS A 80 14.38 34.19 34.13
C CYS A 80 14.60 34.26 35.63
N GLY A 81 14.59 33.09 36.27
CA GLY A 81 14.75 33.00 37.73
C GLY A 81 13.56 33.49 38.55
N GLU A 82 12.46 33.86 37.88
CA GLU A 82 11.19 34.26 38.54
C GLU A 82 10.78 33.34 39.68
N VAL A 83 9.92 33.88 40.54
CA VAL A 83 9.27 33.10 41.60
C VAL A 83 8.17 32.30 40.90
N ARG A 84 8.12 31.00 41.16
CA ARG A 84 7.14 30.12 40.51
C ARG A 84 5.72 30.62 40.73
N ASN A 85 5.00 30.86 39.64
CA ASN A 85 3.59 31.22 39.70
C ASN A 85 2.82 30.09 39.02
N GLU A 86 2.13 29.26 39.83
CA GLU A 86 1.44 28.08 39.29
C GLU A 86 0.33 28.37 38.26
N GLU A 87 0.03 29.67 38.07
CA GLU A 87 -0.95 30.13 37.07
C GLU A 87 -0.40 30.08 35.64
N ASN A 88 0.93 30.12 35.51
CA ASN A 88 1.55 30.33 34.21
C ASN A 88 1.43 29.09 33.31
N ALA A 89 1.38 29.32 32.00
CA ALA A 89 1.30 28.18 31.02
C ALA A 89 2.53 27.30 31.12
N CYS A 90 3.66 27.96 31.27
CA CYS A 90 4.89 27.22 31.50
C CYS A 90 5.80 28.10 32.35
N HIS A 91 6.93 27.52 32.76
CA HIS A 91 7.74 28.12 33.84
C HIS A 91 9.15 28.50 33.43
N CYS A 92 9.69 29.51 34.12
CA CYS A 92 11.02 30.05 33.84
C CYS A 92 11.79 30.27 35.14
N SER A 93 11.19 29.78 36.23
CA SER A 93 11.82 29.75 37.55
C SER A 93 12.91 28.67 37.56
N GLU A 94 13.82 28.76 38.53
CA GLU A 94 14.95 27.83 38.65
C GLU A 94 14.54 26.38 38.83
N ASP A 95 13.38 26.17 39.41
CA ASP A 95 12.92 24.82 39.73
C ASP A 95 12.28 24.11 38.54
N CYS A 96 12.12 24.80 37.41
CA CYS A 96 11.28 24.23 36.32
C CYS A 96 11.85 22.94 35.73
N LEU A 97 13.17 22.85 35.57
CA LEU A 97 13.78 21.64 35.02
C LEU A 97 13.46 20.40 35.86
N SER A 98 13.55 20.52 37.19
CA SER A 98 13.22 19.41 38.08
C SER A 98 11.70 19.20 38.21
N ARG A 99 10.93 20.23 37.87
CA ARG A 99 9.47 20.07 37.79
C ARG A 99 9.03 19.52 36.41
N GLY A 100 9.93 19.57 35.41
CA GLY A 100 9.64 19.10 34.02
C GLY A 100 8.63 19.99 33.27
N ASP A 101 8.51 21.24 33.70
CA ASP A 101 7.49 22.13 33.13
C ASP A 101 8.01 23.52 32.73
N CYS A 102 9.32 23.62 32.39
CA CYS A 102 9.85 24.84 31.81
C CYS A 102 9.19 25.10 30.44
N CYS A 103 9.05 26.37 30.08
CA CYS A 103 8.84 26.71 28.67
C CYS A 103 9.97 26.09 27.83
N THR A 104 9.65 25.74 26.58
CA THR A 104 10.59 24.93 25.85
C THR A 104 11.84 25.72 25.49
N ASN A 105 11.75 27.05 25.53
CA ASN A 105 12.93 27.90 25.22
C ASN A 105 13.65 28.40 26.47
N TYR A 106 13.29 27.86 27.63
CA TYR A 106 13.94 28.26 28.91
C TYR A 106 15.46 28.32 28.88
N GLN A 107 16.12 27.21 28.51
CA GLN A 107 17.58 27.18 28.53
C GLN A 107 18.22 28.11 27.54
N VAL A 108 17.52 28.34 26.43
CA VAL A 108 18.01 29.27 25.45
C VAL A 108 17.97 30.70 26.00
N VAL A 109 16.82 31.11 26.50
CA VAL A 109 16.64 32.50 26.97
C VAL A 109 17.40 32.77 28.29
N CYS A 110 17.45 31.80 29.19
CA CYS A 110 17.85 32.01 30.57
C CYS A 110 19.21 31.42 30.92
N LYS A 111 19.67 30.45 30.15
CA LYS A 111 20.91 29.77 30.47
C LYS A 111 21.90 29.80 29.32
N GLY A 112 21.68 30.70 28.36
CA GLY A 112 22.59 30.90 27.24
C GLY A 112 22.78 29.72 26.28
N GLU A 113 21.89 28.73 26.33
CA GLU A 113 21.97 27.56 25.43
C GLU A 113 21.52 27.90 24.00
N SER A 114 21.88 27.06 23.02
CA SER A 114 21.40 27.23 21.61
C SER A 114 20.08 26.48 21.37
N HIS A 115 19.34 26.90 20.35
CA HIS A 115 18.17 26.11 19.92
C HIS A 115 18.75 24.88 19.27
N TRP A 116 18.03 23.76 19.40
CA TRP A 116 18.45 22.50 18.72
C TRP A 116 18.74 22.72 17.23
N VAL A 117 17.90 23.52 16.56
CA VAL A 117 18.06 23.70 15.08
C VAL A 117 19.40 24.38 14.71
N ASP A 118 19.99 25.07 15.66
CA ASP A 118 21.22 25.83 15.38
C ASP A 118 22.48 25.02 15.65
N ASP A 119 22.30 23.85 16.26
CA ASP A 119 23.42 22.95 16.50
C ASP A 119 23.74 22.15 15.25
N ASP A 120 25.03 22.01 14.97
CA ASP A 120 25.45 21.12 13.89
C ASP A 120 24.99 19.68 14.16
N CYS A 121 24.56 18.99 13.11
CA CYS A 121 24.26 17.56 13.20
CA CYS A 121 24.21 17.58 13.15
C CYS A 121 25.45 16.75 13.61
N GLU A 122 25.25 15.83 14.54
CA GLU A 122 26.31 14.90 14.97
C GLU A 122 25.63 13.57 15.01
N GLU A 123 26.24 12.61 14.33
CA GLU A 123 25.71 11.22 14.29
C GLU A 123 25.39 10.71 15.69
N ILE A 124 24.24 10.06 15.83
CA ILE A 124 23.84 9.45 17.09
C ILE A 124 24.11 7.96 16.94
N LYS A 125 25.31 7.56 17.40
CA LYS A 125 25.77 6.20 17.19
C LYS A 125 25.16 5.23 18.19
N VAL A 126 24.87 5.70 19.41
CA VAL A 126 24.22 4.92 20.43
C VAL A 126 23.23 5.81 21.20
N PRO A 127 22.21 5.23 21.84
CA PRO A 127 21.28 6.05 22.61
C PRO A 127 22.06 6.73 23.72
N GLU A 128 21.83 8.02 23.94
CA GLU A 128 22.46 8.71 25.06
C GLU A 128 21.30 9.11 25.98
N CYS A 129 20.91 8.20 26.86
CA CYS A 129 19.64 8.36 27.61
C CYS A 129 19.93 8.58 29.11
N PRO A 130 19.06 9.31 29.81
CA PRO A 130 19.19 9.44 31.27
C PRO A 130 19.04 8.12 31.98
N ALA A 131 19.60 8.06 33.19
CA ALA A 131 19.49 6.86 33.98
C ALA A 131 18.03 6.55 34.22
N GLY A 132 17.70 5.27 34.18
CA GLY A 132 16.34 4.83 34.41
C GLY A 132 15.55 4.60 33.12
N PHE A 133 16.06 5.09 32.00
CA PHE A 133 15.41 4.82 30.69
C PHE A 133 15.69 3.36 30.18
N VAL A 134 14.67 2.48 30.13
CA VAL A 134 14.85 1.04 29.69
C VAL A 134 15.10 0.89 28.17
N ARG A 135 14.63 1.87 27.39
CA ARG A 135 14.67 1.78 25.92
C ARG A 135 14.51 3.25 25.47
N PRO A 136 15.02 3.60 24.29
CA PRO A 136 14.74 4.93 23.70
C PRO A 136 13.23 5.08 23.48
N PRO A 137 12.67 6.17 23.99
CA PRO A 137 11.26 6.40 23.71
C PRO A 137 11.05 6.67 22.23
N LEU A 138 9.83 6.48 21.75
CA LEU A 138 9.44 6.79 20.36
C LEU A 138 8.40 7.89 20.40
N ILE A 139 8.65 8.96 19.62
CA ILE A 139 7.65 10.05 19.48
C ILE A 139 7.20 10.09 18.04
N ILE A 140 5.90 9.90 17.79
CA ILE A 140 5.40 9.96 16.41
C ILE A 140 4.77 11.33 16.22
N PHE A 141 5.24 12.10 15.26
CA PHE A 141 4.76 13.47 15.05
C PHE A 141 4.01 13.42 13.71
N SER A 142 2.69 13.33 13.76
CA SER A 142 1.87 13.12 12.61
C SER A 142 1.32 14.45 12.09
N VAL A 143 1.49 14.70 10.80
CA VAL A 143 0.99 15.95 10.19
C VAL A 143 -0.07 15.61 9.14
N ASP A 144 -1.26 16.18 9.29
CA ASP A 144 -2.38 15.90 8.39
C ASP A 144 -2.21 16.69 7.08
N GLY A 145 -2.36 16.04 5.94
CA GLY A 145 -2.31 16.75 4.63
C GLY A 145 -0.93 17.25 4.21
N PHE A 146 0.15 16.68 4.79
CA PHE A 146 1.47 17.16 4.48
C PHE A 146 1.98 16.47 3.20
N ARG A 147 1.78 17.12 2.06
CA ARG A 147 2.19 16.58 0.77
C ARG A 147 3.71 16.43 0.68
N ALA A 148 4.12 15.35 0.03
CA ALA A 148 5.51 15.02 -0.03
C ALA A 148 6.38 16.16 -0.58
N SER A 149 5.89 16.89 -1.57
CA SER A 149 6.76 17.90 -2.12
C SER A 149 6.96 19.13 -1.24
N TYR A 150 6.20 19.26 -0.15
CA TYR A 150 6.49 20.33 0.83
C TYR A 150 7.88 20.23 1.40
N MET A 151 8.46 19.02 1.47
CA MET A 151 9.81 18.89 2.10
C MET A 151 10.84 19.64 1.30
N LYS A 152 10.77 19.61 -0.04
CA LYS A 152 11.67 20.47 -0.85
C LYS A 152 11.12 21.90 -1.06
N LYS A 153 9.85 21.99 -1.44
CA LYS A 153 9.26 23.30 -1.80
C LYS A 153 9.16 24.25 -0.61
N GLY A 154 9.01 23.71 0.60
CA GLY A 154 8.89 24.56 1.76
C GLY A 154 10.14 24.55 2.63
N SER A 155 11.23 23.95 2.15
CA SER A 155 12.43 23.76 3.01
C SER A 155 13.02 25.06 3.58
N LYS A 156 12.91 26.18 2.85
CA LYS A 156 13.44 27.45 3.36
C LYS A 156 12.70 28.00 4.56
N VAL A 157 11.47 27.55 4.77
CA VAL A 157 10.68 28.08 5.85
C VAL A 157 10.48 27.03 6.98
N MET A 158 11.11 25.88 6.80
CA MET A 158 11.01 24.80 7.81
C MET A 158 12.36 24.29 8.27
N PRO A 159 13.14 25.14 8.96
CA PRO A 159 14.50 24.71 9.28
C PRO A 159 14.61 23.53 10.28
N ASN A 160 13.69 23.40 11.25
CA ASN A 160 13.78 22.26 12.18
C ASN A 160 13.47 20.95 11.43
N ILE A 161 12.46 21.00 10.58
CA ILE A 161 12.06 19.80 9.81
C ILE A 161 13.17 19.43 8.82
N GLU A 162 13.81 20.46 8.24
CA GLU A 162 14.92 20.23 7.31
C GLU A 162 16.11 19.57 7.98
N LYS A 163 16.36 19.96 9.23
CA LYS A 163 17.46 19.32 10.01
C LYS A 163 17.09 17.88 10.32
N LEU A 164 15.85 17.63 10.74
CA LEU A 164 15.44 16.22 10.93
C LEU A 164 15.65 15.38 9.66
N ARG A 165 15.18 15.93 8.55
CA ARG A 165 15.28 15.26 7.28
C ARG A 165 16.70 15.02 6.80
N SER A 166 17.53 16.04 6.81
CA SER A 166 18.86 15.92 6.25
C SER A 166 19.77 15.09 7.18
N CYS A 167 19.55 15.16 8.51
CA CYS A 167 20.45 14.48 9.45
CA CYS A 167 20.45 14.50 9.46
C CYS A 167 20.01 13.06 9.74
N GLY A 168 18.72 12.81 9.59
CA GLY A 168 18.18 11.50 9.93
C GLY A 168 18.09 10.61 8.69
N THR A 169 17.02 9.77 8.66
CA THR A 169 16.73 8.88 7.57
C THR A 169 15.44 9.39 6.94
N HIS A 170 15.46 9.56 5.63
CA HIS A 170 14.22 10.09 5.00
C HIS A 170 13.93 9.34 3.71
N ALA A 171 12.66 9.34 3.30
CA ALA A 171 12.28 8.87 1.99
C ALA A 171 11.88 10.11 1.16
N PRO A 172 12.04 10.03 -0.16
CA PRO A 172 11.59 11.16 -1.01
C PRO A 172 10.08 11.33 -0.87
N TYR A 173 9.36 10.23 -0.64
CA TYR A 173 7.94 10.29 -0.29
C TYR A 173 7.52 8.97 0.26
N MET A 174 6.37 8.95 0.90
CA MET A 174 5.80 7.73 1.41
C MET A 174 4.41 7.62 0.81
N ARG A 175 4.06 6.42 0.40
CA ARG A 175 2.76 6.15 -0.28
C ARG A 175 1.70 5.87 0.76
N PRO A 176 0.60 6.63 0.75
CA PRO A 176 -0.51 6.38 1.70
C PRO A 176 -1.36 5.19 1.20
N VAL A 177 -2.40 4.82 1.96
CA VAL A 177 -3.33 3.78 1.48
C VAL A 177 -4.54 4.50 0.81
N TYR A 178 -5.28 3.74 0.02
CA TYR A 178 -6.52 4.23 -0.56
C TYR A 178 -7.67 3.85 0.37
N PRO A 179 -8.66 4.75 0.55
CA PRO A 179 -8.66 6.06 0.00
C PRO A 179 -7.73 6.97 0.78
N THR A 180 -7.22 7.99 0.09
CA THR A 180 -6.25 8.87 0.70
C THR A 180 -6.93 9.94 1.54
N LYS A 181 -7.64 9.45 2.55
CA LYS A 181 -8.39 10.22 3.53
C LYS A 181 -7.75 10.06 4.93
N THR A 182 -8.10 10.94 5.86
CA THR A 182 -7.37 11.06 7.12
C THR A 182 -7.51 9.83 7.99
N PHE A 183 -8.75 9.47 8.33
CA PHE A 183 -8.93 8.38 9.28
C PHE A 183 -8.44 7.02 8.77
N PRO A 184 -8.74 6.67 7.49
CA PRO A 184 -8.16 5.43 6.97
C PRO A 184 -6.66 5.45 7.08
N ASN A 185 -5.99 6.56 6.77
CA ASN A 185 -4.53 6.51 6.81
C ASN A 185 -3.92 6.57 8.20
N LEU A 186 -4.51 7.36 9.10
CA LEU A 186 -3.92 7.42 10.44
C LEU A 186 -4.12 6.04 11.10
N TYR A 187 -5.22 5.38 10.83
CA TYR A 187 -5.44 4.11 11.49
C TYR A 187 -4.59 2.99 10.84
N THR A 188 -4.33 3.11 9.53
CA THR A 188 -3.32 2.22 8.91
C THR A 188 -1.93 2.44 9.50
N LEU A 189 -1.54 3.70 9.71
CA LEU A 189 -0.24 3.94 10.35
C LEU A 189 -0.15 3.21 11.69
N ALA A 190 -1.24 3.25 12.45
CA ALA A 190 -1.31 2.68 13.80
C ALA A 190 -1.36 1.15 13.83
N THR A 191 -1.80 0.53 12.73
CA THR A 191 -2.14 -0.92 12.78
C THR A 191 -1.34 -1.77 11.81
N GLY A 192 -0.78 -1.16 10.76
CA GLY A 192 -0.10 -1.93 9.70
C GLY A 192 -1.11 -2.63 8.77
N LEU A 193 -2.39 -2.25 8.86
CA LEU A 193 -3.42 -2.95 8.06
C LEU A 193 -4.01 -2.08 6.94
N TYR A 194 -4.37 -2.71 5.82
CA TYR A 194 -5.24 -2.01 4.85
C TYR A 194 -6.57 -1.61 5.48
N PRO A 195 -7.16 -0.53 5.00
CA PRO A 195 -8.50 -0.12 5.49
C PRO A 195 -9.56 -1.23 5.35
N GLU A 196 -9.50 -2.08 4.34
CA GLU A 196 -10.50 -3.15 4.25
C GLU A 196 -10.41 -4.11 5.41
N SER A 197 -9.22 -4.22 6.02
CA SER A 197 -9.02 -5.13 7.14
C SER A 197 -9.21 -4.43 8.50
N HIS A 198 -8.73 -3.19 8.67
CA HIS A 198 -8.99 -2.48 9.97
C HIS A 198 -10.41 -1.92 10.08
N GLY A 199 -11.08 -1.70 8.95
CA GLY A 199 -12.51 -1.36 8.95
C GLY A 199 -12.80 0.11 8.82
N ILE A 200 -11.77 0.97 8.92
CA ILE A 200 -11.99 2.40 8.74
C ILE A 200 -11.76 2.70 7.25
N VAL A 201 -12.82 2.49 6.43
CA VAL A 201 -12.68 2.44 4.97
C VAL A 201 -12.97 3.79 4.35
N GLY A 202 -13.40 4.75 5.18
CA GLY A 202 -13.57 6.10 4.72
C GLY A 202 -13.70 7.00 5.98
N ASN A 203 -13.79 8.30 5.74
CA ASN A 203 -14.10 9.24 6.81
C ASN A 203 -15.59 9.15 7.16
N SER A 204 -16.40 8.66 6.20
CA SER A 204 -17.85 8.39 6.38
CA SER A 204 -17.81 8.35 6.48
C SER A 204 -18.11 6.94 6.01
N MET A 205 -18.95 6.23 6.77
CA MET A 205 -19.22 4.82 6.42
C MET A 205 -20.59 4.41 6.92
N TYR A 206 -21.20 3.46 6.22
CA TYR A 206 -22.40 2.78 6.74
C TYR A 206 -22.11 1.32 6.90
N ASP A 207 -22.40 0.73 8.06
CA ASP A 207 -22.17 -0.69 8.25
C ASP A 207 -23.58 -1.34 8.28
N PRO A 208 -23.87 -2.13 7.27
CA PRO A 208 -25.22 -2.72 7.15
C PRO A 208 -25.52 -3.78 8.19
N VAL A 209 -24.51 -4.40 8.78
CA VAL A 209 -24.75 -5.38 9.85
C VAL A 209 -25.14 -4.67 11.16
N PHE A 210 -24.43 -3.57 11.47
CA PHE A 210 -24.71 -2.81 12.68
C PHE A 210 -25.94 -1.96 12.42
N ASP A 211 -26.27 -1.75 11.14
CA ASP A 211 -27.15 -0.70 10.68
C ASP A 211 -26.77 0.61 11.38
N ALA A 212 -25.53 1.01 11.23
CA ALA A 212 -25.12 2.24 11.89
C ALA A 212 -24.19 3.02 10.97
N SER A 213 -24.13 4.35 11.15
CA SER A 213 -23.25 5.20 10.32
C SER A 213 -22.13 5.84 11.15
N PHE A 214 -20.94 5.92 10.55
CA PHE A 214 -19.75 6.52 11.15
C PHE A 214 -19.51 7.82 10.43
N HIS A 215 -19.28 8.89 11.20
CA HIS A 215 -18.95 10.22 10.64
C HIS A 215 -17.79 10.89 11.39
N LEU A 216 -17.14 11.84 10.72
CA LEU A 216 -16.10 12.66 11.33
C LEU A 216 -16.67 13.49 12.49
N ARG A 217 -17.81 14.15 12.23
CA ARG A 217 -18.59 14.81 13.27
C ARG A 217 -19.32 13.78 14.12
N GLY A 218 -19.36 14.00 15.43
CA GLY A 218 -20.24 13.24 16.27
C GLY A 218 -19.64 12.03 16.92
N ARG A 219 -20.52 11.20 17.48
CA ARG A 219 -20.14 10.32 18.56
C ARG A 219 -20.09 8.84 18.20
N GLU A 220 -20.79 8.40 17.14
CA GLU A 220 -20.76 6.98 16.73
C GLU A 220 -19.30 6.50 16.55
N LYS A 221 -18.43 7.40 16.07
CA LYS A 221 -17.03 7.06 15.82
C LYS A 221 -16.24 6.70 17.10
N PHE A 222 -16.78 7.05 18.28
CA PHE A 222 -16.16 6.63 19.55
C PHE A 222 -16.45 5.18 19.89
N ASN A 223 -17.49 4.57 19.28
CA ASN A 223 -17.81 3.17 19.57
C ASN A 223 -16.67 2.29 19.04
N HIS A 224 -16.14 1.44 19.90
CA HIS A 224 -15.02 0.57 19.54
C HIS A 224 -15.30 -0.43 18.41
N ARG A 225 -16.58 -0.75 18.17
CA ARG A 225 -16.88 -1.74 17.10
C ARG A 225 -16.43 -1.34 15.67
N TRP A 226 -16.20 -0.05 15.44
CA TRP A 226 -15.67 0.38 14.14
C TRP A 226 -14.22 0.01 13.91
N TRP A 227 -13.45 -0.02 15.00
CA TRP A 227 -12.00 0.04 14.90
C TRP A 227 -11.43 -1.36 15.08
N GLY A 228 -11.03 -1.99 13.98
CA GLY A 228 -10.51 -3.35 14.03
C GLY A 228 -8.98 -3.43 14.12
N GLY A 229 -8.44 -4.63 13.96
CA GLY A 229 -6.99 -4.84 14.14
C GLY A 229 -6.51 -4.51 15.56
N GLN A 230 -5.21 -4.25 15.69
CA GLN A 230 -4.62 -3.93 17.00
C GLN A 230 -3.67 -2.77 16.83
N PRO A 231 -4.10 -1.56 17.23
CA PRO A 231 -3.20 -0.40 17.05
C PRO A 231 -2.00 -0.42 17.99
N LEU A 232 -1.00 0.35 17.66
CA LEU A 232 0.30 0.25 18.31
C LEU A 232 0.18 0.46 19.84
N TRP A 233 -0.71 1.38 20.27
CA TRP A 233 -0.81 1.62 21.74
C TRP A 233 -1.32 0.37 22.49
N ILE A 234 -2.16 -0.41 21.85
CA ILE A 234 -2.69 -1.67 22.43
C ILE A 234 -1.63 -2.75 22.37
N THR A 235 -0.91 -2.84 21.23
CA THR A 235 0.22 -3.75 21.13
C THR A 235 1.25 -3.50 22.25
N ALA A 236 1.59 -2.23 22.47
CA ALA A 236 2.56 -1.88 23.50
C ALA A 236 2.03 -2.32 24.89
N THR A 237 0.79 -1.93 25.19
CA THR A 237 0.20 -2.16 26.54
C THR A 237 0.16 -3.66 26.82
N LYS A 238 -0.35 -4.45 25.89
CA LYS A 238 -0.33 -5.92 26.04
C LYS A 238 1.03 -6.54 26.32
N GLN A 239 2.10 -5.91 25.87
CA GLN A 239 3.43 -6.43 26.04
C GLN A 239 4.23 -5.67 27.11
N GLY A 240 3.52 -4.95 27.97
CA GLY A 240 4.11 -4.29 29.12
C GLY A 240 4.90 -3.02 28.81
N VAL A 241 4.62 -2.39 27.65
CA VAL A 241 5.23 -1.11 27.31
C VAL A 241 4.14 -0.05 27.44
N ARG A 242 4.37 0.98 28.24
CA ARG A 242 3.31 1.96 28.50
C ARG A 242 3.16 2.94 27.34
N ALA A 243 1.94 3.33 27.01
CA ALA A 243 1.78 4.27 25.91
C ALA A 243 1.09 5.58 26.29
N GLY A 244 1.59 6.72 25.77
CA GLY A 244 0.93 8.01 25.91
C GLY A 244 -0.36 7.94 25.08
N THR A 245 -1.29 8.86 25.30
CA THR A 245 -2.58 8.78 24.58
C THR A 245 -2.46 9.41 23.11
N PHE A 246 -2.75 8.62 22.06
CA PHE A 246 -2.46 9.07 20.57
C PHE A 246 -3.42 10.06 19.82
N PHE A 247 -4.72 9.86 19.98
CA PHE A 247 -5.75 10.88 19.58
C PHE A 247 -5.54 12.19 20.43
N TRP A 248 -5.96 13.41 19.96
CA TRP A 248 -5.95 14.66 20.75
C TRP A 248 -7.24 15.45 20.45
N SER A 249 -7.93 15.94 21.49
CA SER A 249 -9.07 16.86 21.24
C SER A 249 -8.61 18.08 20.50
N VAL A 250 -9.37 18.45 19.45
CA VAL A 250 -8.96 19.50 18.53
C VAL A 250 -8.67 20.82 19.25
N SER A 251 -9.39 21.11 20.34
CA SER A 251 -9.27 22.44 20.93
C SER A 251 -8.02 22.63 21.79
N ILE A 252 -7.27 21.55 22.03
CA ILE A 252 -6.08 21.68 22.88
C ILE A 252 -4.99 22.25 22.00
N PRO A 253 -4.42 23.44 22.33
CA PRO A 253 -3.49 24.05 21.40
C PRO A 253 -2.23 23.19 21.26
N HIS A 254 -1.53 23.33 20.14
CA HIS A 254 -0.31 22.52 19.92
C HIS A 254 0.76 22.74 20.96
N GLU A 255 0.92 23.98 21.44
CA GLU A 255 1.92 24.23 22.43
C GLU A 255 1.63 23.41 23.71
N ARG A 256 0.37 23.22 24.04
CA ARG A 256 0.00 22.47 25.25
C ARG A 256 0.20 20.97 24.97
N ARG A 257 -0.03 20.54 23.71
CA ARG A 257 0.23 19.09 23.42
C ARG A 257 1.71 18.82 23.63
N ILE A 258 2.58 19.68 23.13
CA ILE A 258 4.04 19.48 23.25
C ILE A 258 4.43 19.52 24.73
N LEU A 259 3.92 20.49 25.48
CA LEU A 259 4.33 20.56 26.90
C LEU A 259 3.83 19.34 27.68
N THR A 260 2.69 18.78 27.28
CA THR A 260 2.13 17.59 27.91
C THR A 260 3.06 16.39 27.64
N ILE A 261 3.48 16.23 26.40
CA ILE A 261 4.45 15.14 26.08
C ILE A 261 5.73 15.29 26.89
N LEU A 262 6.25 16.51 27.01
CA LEU A 262 7.47 16.74 27.77
C LEU A 262 7.26 16.49 29.25
N GLN A 263 6.08 16.83 29.77
CA GLN A 263 5.78 16.49 31.17
C GLN A 263 5.69 14.98 31.39
N TRP A 264 5.01 14.26 30.50
CA TRP A 264 4.98 12.79 30.58
C TRP A 264 6.36 12.20 30.55
N LEU A 265 7.26 12.80 29.78
CA LEU A 265 8.63 12.25 29.71
C LEU A 265 9.41 12.44 30.98
N SER A 266 8.90 13.30 31.84
CA SER A 266 9.54 13.57 33.14
C SER A 266 8.93 12.71 34.27
N LEU A 267 7.95 11.87 33.99
CA LEU A 267 7.39 10.94 34.97
C LEU A 267 8.47 9.99 35.49
N PRO A 268 8.27 9.49 36.73
CA PRO A 268 9.13 8.43 37.25
C PRO A 268 9.15 7.22 36.29
N ASP A 269 10.23 6.44 36.34
CA ASP A 269 10.45 5.33 35.38
C ASP A 269 9.29 4.35 35.26
N ASN A 270 8.69 3.98 36.39
CA ASN A 270 7.57 3.05 36.39
C ASN A 270 6.24 3.61 35.86
N GLU A 271 6.16 4.94 35.62
CA GLU A 271 4.92 5.58 35.25
C GLU A 271 5.02 6.13 33.80
N ARG A 272 6.23 6.30 33.32
CA ARG A 272 6.50 7.05 32.08
C ARG A 272 6.19 6.21 30.85
N PRO A 273 5.38 6.74 29.90
CA PRO A 273 5.25 5.99 28.66
C PRO A 273 6.53 5.88 27.85
N SER A 274 6.56 4.84 27.02
CA SER A 274 7.65 4.69 26.08
C SER A 274 7.25 5.13 24.67
N VAL A 275 5.97 5.35 24.41
CA VAL A 275 5.59 5.80 23.06
C VAL A 275 4.59 6.92 23.19
N TYR A 276 4.76 7.91 22.32
CA TYR A 276 3.97 9.17 22.38
C TYR A 276 3.58 9.53 20.96
N ALA A 277 2.45 10.24 20.81
CA ALA A 277 2.05 10.73 19.48
C ALA A 277 1.63 12.20 19.64
N PHE A 278 2.08 13.00 18.69
CA PHE A 278 1.58 14.36 18.52
C PHE A 278 0.83 14.34 17.18
N TYR A 279 -0.30 15.04 17.09
CA TYR A 279 -0.99 15.17 15.84
C TYR A 279 -1.21 16.66 15.56
N SER A 280 -0.99 17.02 14.29
CA SER A 280 -1.32 18.39 13.82
C SER A 280 -2.40 18.33 12.72
N GLU A 281 -3.47 19.14 12.89
CA GLU A 281 -4.51 19.25 11.87
C GLU A 281 -4.05 20.08 10.67
N GLN A 282 -2.92 20.75 10.81
CA GLN A 282 -2.28 21.43 9.71
C GLN A 282 -1.15 20.58 9.10
N PRO A 283 -0.85 20.81 7.83
CA PRO A 283 -1.36 21.88 6.95
C PRO A 283 -2.69 21.51 6.22
N ASP A 284 -3.29 20.34 6.46
CA ASP A 284 -4.57 19.96 5.81
C ASP A 284 -5.62 21.07 5.90
N PHE A 285 -5.82 21.58 7.11
CA PHE A 285 -6.91 22.52 7.34
C PHE A 285 -6.79 23.73 6.38
N SER A 286 -5.60 24.30 6.26
CA SER A 286 -5.44 25.40 5.36
C SER A 286 -5.44 24.94 3.90
N GLY A 287 -4.83 23.79 3.62
CA GLY A 287 -4.75 23.29 2.23
C GLY A 287 -6.11 23.09 1.61
N HIS A 288 -7.12 22.68 2.40
CA HIS A 288 -8.47 22.60 1.84
C HIS A 288 -8.97 24.01 1.39
N LYS A 289 -8.62 25.02 2.17
CA LYS A 289 -9.07 26.41 1.91
C LYS A 289 -8.36 27.01 0.76
N TYR A 290 -7.05 26.76 0.66
CA TYR A 290 -6.18 27.56 -0.22
C TYR A 290 -5.52 26.80 -1.32
N GLY A 291 -5.75 25.49 -1.41
CA GLY A 291 -4.98 24.67 -2.33
C GLY A 291 -3.60 24.30 -1.80
N PRO A 292 -3.01 23.26 -2.38
CA PRO A 292 -1.77 22.78 -1.79
C PRO A 292 -0.64 23.80 -1.77
N PHE A 293 -0.58 24.69 -2.79
CA PHE A 293 0.51 25.70 -2.86
C PHE A 293 0.02 27.15 -2.83
N GLY A 294 -1.17 27.33 -2.29
CA GLY A 294 -1.69 28.69 -2.11
C GLY A 294 -0.72 29.52 -1.31
N PRO A 295 -0.55 30.82 -1.66
CA PRO A 295 0.38 31.65 -0.88
C PRO A 295 0.11 31.64 0.64
N GLU A 296 -1.15 31.42 1.03
CA GLU A 296 -1.51 31.31 2.43
C GLU A 296 -0.91 30.08 3.13
N MET A 297 -0.32 29.19 2.35
CA MET A 297 0.21 27.90 2.95
C MET A 297 1.55 28.08 3.64
N THR A 298 2.27 29.17 3.37
CA THR A 298 3.57 29.35 3.95
C THR A 298 3.44 29.44 5.45
N ASN A 299 2.48 30.19 5.96
CA ASN A 299 2.37 30.37 7.40
C ASN A 299 2.07 29.09 8.19
N PRO A 300 1.13 28.26 7.72
CA PRO A 300 0.98 26.96 8.42
C PRO A 300 2.21 26.12 8.40
N LEU A 301 3.03 26.15 7.33
CA LEU A 301 4.25 25.31 7.31
C LEU A 301 5.27 25.90 8.33
N ARG A 302 5.38 27.24 8.41
CA ARG A 302 6.22 27.90 9.42
C ARG A 302 5.74 27.49 10.81
N GLU A 303 4.43 27.41 11.00
CA GLU A 303 3.95 27.17 12.36
C GLU A 303 4.23 25.72 12.75
N ILE A 304 4.09 24.79 11.79
CA ILE A 304 4.42 23.38 12.08
C ILE A 304 5.88 23.26 12.41
N ASP A 305 6.73 23.94 11.64
CA ASP A 305 8.14 23.87 11.93
C ASP A 305 8.50 24.44 13.33
N LYS A 306 7.80 25.49 13.74
CA LYS A 306 8.02 26.06 15.08
C LYS A 306 7.65 25.05 16.16
N THR A 307 6.59 24.28 15.93
CA THR A 307 6.18 23.24 16.86
C THR A 307 7.24 22.14 16.97
N VAL A 308 7.79 21.74 15.83
CA VAL A 308 8.88 20.73 15.86
C VAL A 308 10.06 21.30 16.68
N GLY A 309 10.33 22.59 16.46
CA GLY A 309 11.42 23.26 17.17
C GLY A 309 11.19 23.23 18.70
N GLN A 310 9.95 23.50 19.12
CA GLN A 310 9.61 23.48 20.57
C GLN A 310 9.87 22.07 21.14
N LEU A 311 9.42 21.06 20.42
CA LEU A 311 9.64 19.68 20.85
C LEU A 311 11.11 19.38 20.94
N MET A 312 11.89 19.73 19.91
CA MET A 312 13.31 19.38 19.98
C MET A 312 14.08 20.21 21.02
N ASP A 313 13.72 21.48 21.16
CA ASP A 313 14.33 22.26 22.26
C ASP A 313 13.97 21.68 23.60
N GLY A 314 12.70 21.32 23.75
CA GLY A 314 12.22 20.70 24.99
C GLY A 314 12.96 19.40 25.26
N LEU A 315 13.13 18.54 24.23
CA LEU A 315 13.93 17.31 24.40
C LEU A 315 15.36 17.64 24.81
N LYS A 316 15.98 18.57 24.11
CA LYS A 316 17.35 18.97 24.48
C LYS A 316 17.46 19.42 25.96
N GLN A 317 16.51 20.23 26.46
CA GLN A 317 16.48 20.62 27.90
C GLN A 317 16.43 19.42 28.81
N LEU A 318 15.72 18.38 28.39
CA LEU A 318 15.59 17.17 29.18
C LEU A 318 16.75 16.18 28.96
N ARG A 319 17.75 16.57 28.16
CA ARG A 319 18.87 15.69 27.78
C ARG A 319 18.35 14.41 27.13
N LEU A 320 17.30 14.56 26.29
CA LEU A 320 16.67 13.45 25.58
C LEU A 320 16.82 13.53 24.05
N HIS A 321 17.40 14.62 23.56
CA HIS A 321 17.48 14.88 22.12
C HIS A 321 18.39 13.88 21.37
N ARG A 322 19.22 13.10 22.09
CA ARG A 322 20.04 12.05 21.47
C ARG A 322 19.67 10.67 22.09
N CYS A 323 18.45 10.59 22.59
CA CYS A 323 17.90 9.37 23.22
C CYS A 323 16.61 8.93 22.51
N VAL A 324 15.70 9.87 22.19
CA VAL A 324 14.40 9.55 21.61
CA VAL A 324 14.42 9.50 21.60
C VAL A 324 14.48 9.30 20.08
N ASN A 325 13.69 8.35 19.58
CA ASN A 325 13.51 8.25 18.15
C ASN A 325 12.26 9.03 17.81
N VAL A 326 12.39 9.90 16.82
CA VAL A 326 11.31 10.75 16.36
C VAL A 326 10.90 10.31 14.97
N ILE A 327 9.61 10.11 14.75
CA ILE A 327 9.10 9.88 13.38
C ILE A 327 8.25 11.07 13.01
N PHE A 328 8.59 11.67 11.88
CA PHE A 328 7.80 12.77 11.34
C PHE A 328 7.12 12.21 10.07
N VAL A 329 5.80 12.11 10.14
CA VAL A 329 5.08 11.35 9.14
C VAL A 329 3.77 12.00 8.83
N GLY A 330 3.35 11.94 7.55
CA GLY A 330 2.04 12.48 7.16
C GLY A 330 1.04 11.39 6.82
N ASP A 331 -0.23 11.76 6.72
CA ASP A 331 -1.23 10.76 6.37
C ASP A 331 -1.52 10.70 4.86
N HIS A 332 -1.41 11.85 4.16
CA HIS A 332 -1.75 11.94 2.69
C HIS A 332 -1.35 13.34 2.26
N GLY A 333 -1.39 13.56 0.95
CA GLY A 333 -1.06 14.88 0.42
C GLY A 333 -2.33 15.71 0.18
N MET A 334 -2.28 16.55 -0.85
CA MET A 334 -3.35 17.52 -1.08
C MET A 334 -3.25 17.91 -2.55
N GLU A 335 -4.42 17.96 -3.23
CA GLU A 335 -4.48 18.29 -4.68
C GLU A 335 -5.34 19.56 -4.85
N ASP A 336 -5.10 20.28 -5.93
CA ASP A 336 -6.03 21.39 -6.34
C ASP A 336 -7.35 20.83 -6.84
N VAL A 337 -8.42 21.23 -6.16
CA VAL A 337 -9.75 20.75 -6.49
C VAL A 337 -10.65 21.92 -6.20
N THR A 338 -11.48 22.29 -7.18
CA THR A 338 -12.47 23.38 -6.95
C THR A 338 -13.89 22.90 -7.36
N CYS A 339 -14.94 23.60 -6.85
CA CYS A 339 -16.39 23.27 -7.06
C CYS A 339 -16.75 23.10 -8.52
N ASP A 340 -16.13 23.90 -9.38
CA ASP A 340 -16.44 23.81 -10.80
C ASP A 340 -15.98 22.51 -11.46
N ARG A 341 -14.97 21.84 -10.87
CA ARG A 341 -14.59 20.50 -11.38
C ARG A 341 -15.35 19.39 -10.66
N THR A 342 -16.66 19.36 -10.83
CA THR A 342 -17.50 18.36 -10.24
C THR A 342 -18.32 17.72 -11.38
N GLU A 343 -18.29 16.40 -11.43
CA GLU A 343 -19.22 15.61 -12.24
C GLU A 343 -20.45 15.29 -11.41
N PHE A 344 -21.64 15.38 -12.03
CA PHE A 344 -22.87 15.05 -11.33
C PHE A 344 -23.57 13.84 -11.87
N LEU A 345 -23.92 12.94 -10.97
CA LEU A 345 -24.55 11.71 -11.39
C LEU A 345 -25.95 11.95 -12.04
N SER A 346 -26.60 13.04 -11.64
CA SER A 346 -27.87 13.46 -12.24
C SER A 346 -27.74 13.71 -13.73
N ASN A 347 -26.53 13.96 -14.23
CA ASN A 347 -26.26 14.07 -15.69
C ASN A 347 -26.10 12.72 -16.42
N TYR A 348 -26.15 11.62 -15.66
CA TYR A 348 -26.00 10.27 -16.23
C TYR A 348 -27.16 9.35 -15.90
N LEU A 349 -27.72 9.48 -14.71
CA LEU A 349 -28.72 8.52 -14.24
C LEU A 349 -30.13 9.10 -14.38
N THR A 350 -31.07 8.29 -14.86
CA THR A 350 -32.46 8.76 -14.82
C THR A 350 -33.01 8.64 -13.39
N ASN A 351 -32.55 7.61 -12.69
CA ASN A 351 -33.01 7.19 -11.35
C ASN A 351 -32.23 7.75 -10.16
N VAL A 352 -31.64 8.94 -10.30
CA VAL A 352 -30.68 9.43 -9.26
C VAL A 352 -31.25 9.46 -7.81
N ASP A 353 -32.57 9.61 -7.67
CA ASP A 353 -33.15 9.58 -6.32
C ASP A 353 -33.29 8.19 -5.71
N ASP A 354 -32.95 7.17 -6.47
CA ASP A 354 -33.01 5.82 -5.96
C ASP A 354 -31.66 5.36 -5.39
N ILE A 355 -30.66 6.24 -5.42
CA ILE A 355 -29.33 5.85 -4.93
C ILE A 355 -28.88 6.77 -3.82
N THR A 356 -27.99 6.22 -2.98
CA THR A 356 -27.22 6.95 -1.96
C THR A 356 -25.80 6.98 -2.52
N LEU A 357 -25.20 8.16 -2.58
CA LEU A 357 -23.80 8.31 -2.94
C LEU A 357 -22.96 8.87 -1.81
N VAL A 358 -21.84 8.21 -1.48
CA VAL A 358 -20.83 8.85 -0.67
C VAL A 358 -19.96 9.59 -1.68
N PRO A 359 -19.92 10.95 -1.66
CA PRO A 359 -19.31 11.75 -2.70
C PRO A 359 -17.91 12.28 -2.42
N GLY A 360 -17.41 12.99 -3.41
CA GLY A 360 -16.17 13.79 -3.28
C GLY A 360 -15.11 13.24 -4.21
N THR A 361 -13.95 12.94 -3.61
CA THR A 361 -12.79 12.51 -4.39
C THR A 361 -12.78 10.98 -4.65
N LEU A 362 -13.83 10.30 -4.16
CA LEU A 362 -14.12 8.92 -4.57
C LEU A 362 -15.64 8.86 -4.49
N GLY A 363 -16.23 7.89 -5.18
CA GLY A 363 -17.69 7.71 -5.04
C GLY A 363 -18.00 6.32 -4.57
N ARG A 364 -18.99 6.16 -3.70
CA ARG A 364 -19.46 4.83 -3.33
C ARG A 364 -20.98 4.90 -3.44
N ILE A 365 -21.55 3.94 -4.17
CA ILE A 365 -23.00 3.96 -4.43
C ILE A 365 -23.66 2.72 -3.89
N ARG A 366 -24.81 2.94 -3.23
CA ARG A 366 -25.66 1.81 -2.87
C ARG A 366 -27.12 2.22 -3.04
N ALA A 367 -28.03 1.25 -2.89
CA ALA A 367 -29.47 1.59 -3.01
C ALA A 367 -29.89 2.49 -1.87
N LYS A 368 -30.71 3.50 -2.18
CA LYS A 368 -31.29 4.33 -1.14
C LYS A 368 -32.19 3.50 -0.22
N SER A 369 -32.89 2.52 -0.80
CA SER A 369 -33.84 1.68 -0.04
C SER A 369 -33.62 0.20 -0.34
N ILE A 370 -33.43 -0.62 0.70
CA ILE A 370 -33.26 -2.09 0.48
C ILE A 370 -34.58 -2.77 0.12
N ASN A 371 -35.69 -2.04 0.29
CA ASN A 371 -37.03 -2.46 -0.13
C ASN A 371 -37.32 -2.28 -1.61
N ASN A 372 -36.59 -1.36 -2.26
CA ASN A 372 -36.73 -1.13 -3.70
C ASN A 372 -36.13 -2.30 -4.52
N SER A 373 -37.02 -3.21 -4.97
CA SER A 373 -36.61 -4.41 -5.71
C SER A 373 -36.16 -4.13 -7.15
N LYS A 374 -36.44 -2.92 -7.63
CA LYS A 374 -36.14 -2.53 -9.01
C LYS A 374 -34.72 -1.94 -9.16
N TYR A 375 -34.05 -1.67 -8.03
CA TYR A 375 -32.63 -1.24 -8.02
C TYR A 375 -31.77 -2.32 -8.67
N ASP A 376 -30.85 -1.91 -9.57
CA ASP A 376 -29.98 -2.87 -10.28
C ASP A 376 -28.59 -2.29 -10.56
N PRO A 377 -27.56 -2.88 -9.94
CA PRO A 377 -26.19 -2.37 -10.11
C PRO A 377 -25.68 -2.44 -11.55
N LYS A 378 -26.12 -3.44 -12.33
CA LYS A 378 -25.61 -3.56 -13.69
C LYS A 378 -26.06 -2.37 -14.51
N THR A 379 -27.30 -1.96 -14.33
CA THR A 379 -27.79 -0.83 -15.14
C THR A 379 -27.16 0.50 -14.69
N ILE A 380 -26.86 0.63 -13.38
CA ILE A 380 -26.15 1.83 -12.92
C ILE A 380 -24.72 1.91 -13.48
N ILE A 381 -23.97 0.80 -13.38
CA ILE A 381 -22.63 0.76 -13.99
C ILE A 381 -22.68 1.15 -15.48
N ALA A 382 -23.60 0.54 -16.25
CA ALA A 382 -23.61 0.78 -17.71
C ALA A 382 -23.89 2.28 -18.01
N ALA A 383 -24.81 2.86 -17.24
CA ALA A 383 -25.16 4.29 -17.39
C ALA A 383 -24.04 5.24 -17.04
N LEU A 384 -23.05 4.71 -16.31
CA LEU A 384 -21.92 5.54 -15.90
C LEU A 384 -20.65 5.23 -16.69
N THR A 385 -20.74 4.30 -17.64
CA THR A 385 -19.53 3.88 -18.36
C THR A 385 -19.33 4.59 -19.69
N CYS A 386 -18.21 5.31 -19.79
CA CYS A 386 -17.71 5.99 -20.99
C CYS A 386 -18.82 6.82 -21.71
N LYS A 387 -19.57 7.61 -20.97
CA LYS A 387 -20.76 8.31 -21.55
C LYS A 387 -20.44 9.65 -22.13
N LYS A 388 -19.35 10.22 -21.68
CA LYS A 388 -18.94 11.57 -22.08
C LYS A 388 -17.48 11.49 -22.47
N PRO A 389 -17.08 12.23 -23.52
CA PRO A 389 -15.74 12.11 -24.10
C PRO A 389 -14.60 12.34 -23.08
N ASP A 390 -14.75 13.28 -22.17
CA ASP A 390 -13.66 13.50 -21.20
C ASP A 390 -14.06 13.19 -19.75
N GLN A 391 -15.02 12.28 -19.60
CA GLN A 391 -15.58 11.89 -18.32
C GLN A 391 -14.49 11.73 -17.22
N HIS A 392 -14.69 12.38 -16.08
CA HIS A 392 -13.59 12.48 -15.10
C HIS A 392 -13.73 11.52 -13.92
N PHE A 393 -14.52 10.47 -14.08
CA PHE A 393 -14.51 9.34 -13.10
C PHE A 393 -14.76 8.07 -13.89
N LYS A 394 -14.48 6.94 -13.28
CA LYS A 394 -14.72 5.64 -13.93
C LYS A 394 -15.40 4.74 -12.92
N PRO A 395 -16.53 4.10 -13.31
CA PRO A 395 -17.18 3.23 -12.36
C PRO A 395 -16.60 1.82 -12.38
N TYR A 396 -16.61 1.19 -11.19
CA TYR A 396 -16.19 -0.20 -11.04
C TYR A 396 -17.07 -0.93 -10.07
N MET A 397 -17.34 -2.22 -10.34
CA MET A 397 -17.79 -3.07 -9.24
C MET A 397 -16.51 -3.18 -8.36
N LYS A 398 -16.61 -3.24 -7.03
CA LYS A 398 -15.38 -3.13 -6.22
C LYS A 398 -14.39 -4.28 -6.51
N GLN A 399 -14.91 -5.45 -6.85
CA GLN A 399 -13.96 -6.57 -7.14
C GLN A 399 -13.12 -6.31 -8.41
N HIS A 400 -13.50 -5.33 -9.21
CA HIS A 400 -12.75 -5.02 -10.43
C HIS A 400 -11.77 -3.87 -10.25
N LEU A 401 -11.79 -3.23 -9.07
CA LEU A 401 -10.79 -2.19 -8.80
C LEU A 401 -9.38 -2.82 -8.88
N PRO A 402 -8.38 -2.03 -9.32
CA PRO A 402 -6.98 -2.51 -9.26
C PRO A 402 -6.68 -3.18 -7.91
N LYS A 403 -6.07 -4.36 -7.97
CA LYS A 403 -5.80 -5.14 -6.80
C LYS A 403 -4.84 -4.44 -5.87
N ARG A 404 -3.97 -3.59 -6.44
CA ARG A 404 -3.05 -2.82 -5.60
C ARG A 404 -3.74 -1.92 -4.59
N LEU A 405 -5.01 -1.55 -4.83
CA LEU A 405 -5.75 -0.73 -3.85
C LEU A 405 -6.20 -1.49 -2.61
N HIS A 406 -6.29 -2.79 -2.75
CA HIS A 406 -6.77 -3.67 -1.65
C HIS A 406 -8.04 -3.09 -1.04
N TYR A 407 -9.00 -2.76 -1.89
CA TYR A 407 -10.20 -2.00 -1.45
C TYR A 407 -11.49 -2.70 -1.85
N ALA A 408 -11.72 -3.86 -1.25
CA ALA A 408 -12.98 -4.57 -1.55
C ALA A 408 -13.53 -5.45 -0.45
N ASN A 409 -12.68 -6.11 0.33
CA ASN A 409 -13.15 -7.14 1.27
C ASN A 409 -13.63 -6.58 2.62
N ASN A 410 -14.67 -5.76 2.55
CA ASN A 410 -15.30 -5.23 3.77
C ASN A 410 -16.72 -4.85 3.40
N ARG A 411 -17.64 -5.27 4.28
CA ARG A 411 -19.04 -4.98 4.04
C ARG A 411 -19.37 -3.51 4.15
N ARG A 412 -18.42 -2.68 4.65
CA ARG A 412 -18.68 -1.27 4.65
C ARG A 412 -18.28 -0.59 3.31
N ILE A 413 -17.67 -1.36 2.41
CA ILE A 413 -17.33 -0.83 1.08
C ILE A 413 -18.44 -1.23 0.11
N GLU A 414 -19.12 -0.21 -0.43
CA GLU A 414 -20.26 -0.44 -1.27
C GLU A 414 -19.82 -1.19 -2.55
N ASP A 415 -20.73 -1.97 -3.12
CA ASP A 415 -20.33 -2.72 -4.33
C ASP A 415 -19.91 -1.87 -5.52
N ILE A 416 -20.54 -0.71 -5.70
CA ILE A 416 -20.21 0.18 -6.80
C ILE A 416 -19.29 1.27 -6.30
N HIS A 417 -18.14 1.38 -6.96
CA HIS A 417 -17.15 2.38 -6.64
C HIS A 417 -16.85 3.27 -7.80
N LEU A 418 -16.67 4.56 -7.55
CA LEU A 418 -16.22 5.44 -8.63
C LEU A 418 -14.83 5.93 -8.36
N LEU A 419 -13.88 5.60 -9.26
CA LEU A 419 -12.54 6.18 -9.17
CA LEU A 419 -12.53 6.15 -9.19
C LEU A 419 -12.53 7.52 -9.86
N VAL A 420 -12.26 8.56 -9.06
CA VAL A 420 -12.35 9.94 -9.55
C VAL A 420 -11.02 10.39 -10.05
N ASP A 421 -11.00 11.05 -11.21
CA ASP A 421 -9.71 11.64 -11.66
C ASP A 421 -9.14 12.69 -10.70
N ARG A 422 -7.81 12.74 -10.60
CA ARG A 422 -7.21 13.79 -9.78
C ARG A 422 -7.74 15.17 -10.25
N ARG A 423 -7.95 16.04 -9.26
CA ARG A 423 -8.42 17.43 -9.44
CA ARG A 423 -8.41 17.43 -9.44
C ARG A 423 -9.94 17.56 -9.55
N TRP A 424 -10.63 16.41 -9.52
CA TRP A 424 -12.12 16.39 -9.66
C TRP A 424 -12.87 15.87 -8.45
N HIS A 425 -14.17 16.16 -8.40
CA HIS A 425 -15.12 15.59 -7.48
C HIS A 425 -16.23 14.96 -8.25
N VAL A 426 -16.89 14.02 -7.62
CA VAL A 426 -18.18 13.57 -8.10
C VAL A 426 -19.24 13.88 -7.04
N ALA A 427 -20.46 14.22 -7.48
CA ALA A 427 -21.53 14.51 -6.52
C ALA A 427 -22.81 13.96 -7.15
N ARG A 428 -23.89 13.91 -6.38
CA ARG A 428 -25.13 13.29 -6.87
C ARG A 428 -25.90 14.30 -7.74
N LYS A 429 -26.12 15.48 -7.20
CA LYS A 429 -26.87 16.58 -7.86
CA LYS A 429 -26.76 16.54 -7.97
C LYS A 429 -26.20 17.92 -7.63
N PRO A 430 -26.35 18.89 -8.56
CA PRO A 430 -25.71 20.18 -8.34
C PRO A 430 -26.07 20.89 -7.03
N LEU A 431 -27.27 20.67 -6.50
CA LEU A 431 -27.69 21.36 -5.30
C LEU A 431 -26.83 20.92 -4.10
N ASP A 432 -26.25 19.72 -4.18
CA ASP A 432 -25.33 19.21 -3.14
C ASP A 432 -24.06 20.04 -2.96
N VAL A 433 -23.64 20.71 -4.03
CA VAL A 433 -22.38 21.40 -4.07
C VAL A 433 -22.51 22.88 -3.68
N TYR A 434 -23.54 23.59 -4.13
CA TYR A 434 -23.71 25.00 -3.71
C TYR A 434 -24.66 25.20 -2.50
N LYS A 435 -25.42 24.16 -2.16
CA LYS A 435 -26.17 24.06 -0.90
C LYS A 435 -25.53 22.92 -0.07
N LYS A 436 -24.25 23.08 0.27
CA LYS A 436 -23.45 22.04 0.96
C LYS A 436 -23.43 22.22 2.47
N CYS A 441 -17.81 29.26 -4.75
CA CYS A 441 -17.02 28.15 -4.24
C CYS A 441 -16.15 28.52 -3.06
N PHE A 442 -16.09 27.62 -2.08
CA PHE A 442 -15.28 27.78 -0.88
C PHE A 442 -13.85 27.25 -1.12
N PHE A 443 -13.76 25.93 -1.18
CA PHE A 443 -12.52 25.16 -1.07
C PHE A 443 -11.66 25.17 -2.34
N GLN A 444 -10.36 24.96 -2.20
CA GLN A 444 -9.47 24.91 -3.32
C GLN A 444 -8.55 23.71 -3.26
N GLY A 445 -8.67 22.94 -2.16
CA GLY A 445 -7.82 21.67 -2.11
C GLY A 445 -8.66 20.49 -1.65
N ASP A 446 -8.27 19.28 -2.06
CA ASP A 446 -8.87 18.08 -1.46
C ASP A 446 -7.94 16.88 -1.69
N HIS A 447 -8.33 15.76 -1.11
CA HIS A 447 -7.49 14.55 -1.23
C HIS A 447 -8.48 13.39 -1.11
N GLY A 448 -8.00 12.18 -1.37
CA GLY A 448 -8.85 10.98 -1.34
C GLY A 448 -8.59 10.09 -2.56
N PHE A 449 -7.95 10.63 -3.60
CA PHE A 449 -7.78 9.93 -4.89
C PHE A 449 -6.88 8.71 -4.72
N ASP A 450 -6.82 7.93 -5.80
CA ASP A 450 -5.90 6.76 -6.01
C ASP A 450 -4.56 7.07 -5.34
N ASN A 451 -4.06 6.14 -4.55
CA ASN A 451 -2.87 6.40 -3.74
C ASN A 451 -1.59 6.34 -4.52
N LYS A 452 -1.62 6.07 -5.83
CA LYS A 452 -0.41 6.28 -6.63
CA LYS A 452 -0.39 6.27 -6.59
C LYS A 452 -0.24 7.67 -7.20
N VAL A 453 -1.28 8.51 -7.09
CA VAL A 453 -1.24 9.90 -7.61
C VAL A 453 -0.20 10.75 -6.87
N ASN A 454 0.66 11.45 -7.62
CA ASN A 454 1.80 12.14 -7.00
C ASN A 454 1.35 13.16 -5.95
N SER A 455 0.25 13.87 -6.20
CA SER A 455 -0.20 14.85 -5.21
C SER A 455 -0.69 14.25 -3.88
N MET A 456 -0.98 12.95 -3.88
CA MET A 456 -1.44 12.31 -2.65
C MET A 456 -0.28 11.81 -1.80
N GLN A 457 0.94 11.77 -2.39
CA GLN A 457 2.07 11.18 -1.59
C GLN A 457 2.36 12.07 -0.38
N THR A 458 2.95 11.45 0.64
CA THR A 458 3.19 12.23 1.88
C THR A 458 4.63 11.95 2.32
N VAL A 459 4.91 12.27 3.58
CA VAL A 459 6.30 12.36 4.05
CA VAL A 459 6.29 12.38 4.08
C VAL A 459 6.62 11.29 5.10
N PHE A 460 7.92 10.92 5.10
CA PHE A 460 8.49 10.16 6.23
C PHE A 460 9.93 10.61 6.50
N VAL A 461 10.17 10.92 7.77
CA VAL A 461 11.55 11.15 8.28
C VAL A 461 11.64 10.42 9.60
N GLY A 462 12.73 9.69 9.79
CA GLY A 462 13.03 9.03 11.11
C GLY A 462 14.35 9.64 11.62
N TYR A 463 14.37 10.03 12.90
CA TYR A 463 15.58 10.68 13.40
C TYR A 463 15.81 10.12 14.79
N GLY A 464 17.03 9.65 15.07
CA GLY A 464 17.28 9.13 16.43
C GLY A 464 18.33 8.03 16.41
N PRO A 465 18.65 7.48 17.60
CA PRO A 465 19.74 6.50 17.69
C PRO A 465 19.46 5.25 16.90
N THR A 466 18.19 4.87 16.72
CA THR A 466 17.88 3.60 16.05
C THR A 466 17.77 3.75 14.51
N PHE A 467 17.59 4.99 14.04
CA PHE A 467 17.57 5.25 12.62
C PHE A 467 18.99 5.48 12.13
N LYS A 468 19.15 5.38 10.83
CA LYS A 468 20.44 5.68 10.21
CA LYS A 468 20.43 5.68 10.18
C LYS A 468 20.72 7.18 10.14
N TYR A 469 21.99 7.51 9.92
CA TYR A 469 22.43 8.90 9.85
C TYR A 469 22.58 9.35 8.38
N ARG A 470 22.05 10.53 8.08
CA ARG A 470 22.13 11.16 6.73
C ARG A 470 21.88 10.16 5.62
N THR A 471 20.76 9.43 5.71
CA THR A 471 20.47 8.31 4.82
C THR A 471 19.16 8.54 4.08
N LYS A 472 19.19 8.38 2.76
N LYS A 472 19.19 8.39 2.76
CA LYS A 472 17.97 8.48 1.96
CA LYS A 472 17.97 8.47 1.96
C LYS A 472 17.56 7.05 1.61
C LYS A 472 17.56 7.05 1.61
N VAL A 473 16.27 6.72 1.76
CA VAL A 473 15.78 5.39 1.43
C VAL A 473 14.73 5.54 0.34
N PRO A 474 14.50 4.47 -0.42
CA PRO A 474 13.50 4.62 -1.48
C PRO A 474 12.09 4.79 -0.89
N PRO A 475 11.17 5.31 -1.71
CA PRO A 475 9.79 5.41 -1.23
C PRO A 475 9.22 4.06 -0.83
N PHE A 476 8.32 4.08 0.15
CA PHE A 476 7.72 2.85 0.64
C PHE A 476 6.31 3.18 1.10
N GLU A 477 5.53 2.14 1.40
CA GLU A 477 4.12 2.30 1.79
C GLU A 477 3.91 2.42 3.27
N ASN A 478 2.93 3.22 3.69
CA ASN A 478 2.73 3.43 5.07
C ASN A 478 2.29 2.16 5.91
N ILE A 479 1.75 1.13 5.20
CA ILE A 479 1.43 -0.12 5.88
C ILE A 479 2.66 -0.75 6.47
N GLU A 480 3.86 -0.35 6.04
CA GLU A 480 5.06 -0.97 6.58
C GLU A 480 5.52 -0.43 7.92
N LEU A 481 5.03 0.73 8.33
CA LEU A 481 5.66 1.40 9.46
C LEU A 481 5.28 0.80 10.81
N TYR A 482 4.10 0.22 10.92
CA TYR A 482 3.73 -0.45 12.21
C TYR A 482 4.82 -1.44 12.65
N ASN A 483 5.29 -2.27 11.71
CA ASN A 483 6.31 -3.28 12.11
C ASN A 483 7.54 -2.56 12.61
N VAL A 484 7.93 -1.48 11.95
CA VAL A 484 9.18 -0.76 12.34
C VAL A 484 8.99 -0.12 13.73
N MET A 485 7.81 0.47 13.97
CA MET A 485 7.52 1.06 15.27
C MET A 485 7.57 -0.02 16.35
N CYS A 486 7.08 -1.22 16.04
CA CYS A 486 7.22 -2.36 16.95
C CYS A 486 8.68 -2.73 17.18
N ASP A 487 9.48 -2.76 16.13
CA ASP A 487 10.92 -3.02 16.24
C ASP A 487 11.62 -1.96 17.12
N LEU A 488 11.28 -0.69 16.90
CA LEU A 488 11.84 0.41 17.70
C LEU A 488 11.50 0.29 19.18
N LEU A 489 10.40 -0.39 19.52
CA LEU A 489 9.93 -0.52 20.91
C LEU A 489 10.15 -1.92 21.51
N GLY A 490 10.78 -2.79 20.74
CA GLY A 490 10.99 -4.19 21.13
C GLY A 490 9.70 -4.98 21.26
N LEU A 491 8.69 -4.65 20.44
CA LEU A 491 7.40 -5.33 20.51
C LEU A 491 7.27 -6.34 19.38
N LYS A 492 6.52 -7.43 19.62
CA LYS A 492 6.10 -8.35 18.57
C LYS A 492 4.86 -7.76 17.90
N PRO A 493 4.92 -7.49 16.57
CA PRO A 493 3.71 -6.90 15.93
C PRO A 493 2.57 -7.87 15.89
N ALA A 494 1.35 -7.37 16.07
CA ALA A 494 0.17 -8.16 15.69
C ALA A 494 0.20 -8.47 14.18
N PRO A 495 -0.55 -9.49 13.72
CA PRO A 495 -0.54 -9.86 12.32
C PRO A 495 -1.01 -8.68 11.45
N ASN A 496 -0.22 -8.36 10.44
CA ASN A 496 -0.58 -7.14 9.66
C ASN A 496 -0.15 -7.27 8.21
N ASN A 497 -0.30 -6.19 7.43
CA ASN A 497 -0.07 -6.28 5.98
C ASN A 497 1.30 -5.76 5.53
N GLY A 498 2.07 -5.28 6.51
CA GLY A 498 3.46 -4.95 6.25
C GLY A 498 4.18 -6.27 5.92
N THR A 499 5.39 -6.14 5.41
CA THR A 499 6.27 -7.27 5.12
C THR A 499 7.48 -7.06 6.00
N HIS A 500 7.50 -7.74 7.14
CA HIS A 500 8.46 -7.39 8.19
C HIS A 500 9.86 -7.77 7.77
N GLY A 501 10.70 -6.76 7.77
CA GLY A 501 12.04 -6.90 7.24
C GLY A 501 12.28 -6.02 6.02
N SER A 502 11.20 -5.64 5.32
CA SER A 502 11.38 -4.87 4.10
C SER A 502 11.84 -3.44 4.37
N LEU A 503 11.71 -2.96 5.63
CA LEU A 503 12.30 -1.65 5.97
C LEU A 503 13.49 -1.74 6.88
N ASN A 504 14.17 -2.90 6.86
CA ASN A 504 15.34 -2.96 7.71
C ASN A 504 16.44 -1.97 7.36
N HIS A 505 16.49 -1.59 6.09
CA HIS A 505 17.48 -0.60 5.63
C HIS A 505 17.25 0.82 6.17
N LEU A 506 16.19 1.05 6.93
CA LEU A 506 16.01 2.34 7.58
C LEU A 506 16.76 2.40 8.93
N LEU A 507 17.14 1.22 9.47
CA LEU A 507 17.55 1.10 10.85
C LEU A 507 19.02 0.84 11.02
N ARG A 508 19.57 1.48 12.06
CA ARG A 508 20.95 1.20 12.49
C ARG A 508 21.04 -0.12 13.23
N THR A 509 20.04 -0.44 14.06
CA THR A 509 19.99 -1.61 14.97
C THR A 509 18.53 -2.05 15.08
N ASN A 510 18.23 -3.11 15.81
CA ASN A 510 16.83 -3.56 16.02
C ASN A 510 16.24 -4.11 14.72
N THR A 511 17.10 -4.48 13.76
CA THR A 511 16.56 -5.06 12.55
C THR A 511 15.79 -6.38 12.86
N PHE A 512 14.91 -6.76 11.95
CA PHE A 512 14.18 -7.98 12.17
C PHE A 512 14.68 -8.95 11.17
N ARG A 513 15.12 -10.15 11.62
CA ARG A 513 15.79 -10.96 10.64
C ARG A 513 14.87 -12.12 10.25
N PRO A 514 14.00 -11.91 9.24
CA PRO A 514 13.07 -12.98 8.91
C PRO A 514 13.77 -14.15 8.24
N THR A 515 13.15 -15.33 8.32
CA THR A 515 13.58 -16.49 7.56
C THR A 515 12.57 -16.68 6.41
N MET A 516 13.00 -17.23 5.29
CA MET A 516 12.07 -17.47 4.15
C MET A 516 11.03 -18.51 4.58
N PRO A 517 9.81 -18.40 4.05
CA PRO A 517 8.82 -19.41 4.46
C PRO A 517 9.20 -20.81 3.94
N ASP A 518 8.80 -21.84 4.67
CA ASP A 518 9.15 -23.20 4.19
C ASP A 518 8.24 -23.58 3.04
N GLU A 519 8.79 -24.31 2.05
CA GLU A 519 7.98 -24.83 0.94
C GLU A 519 7.11 -25.92 1.52
N VAL A 520 5.83 -25.91 1.15
CA VAL A 520 4.90 -26.87 1.69
C VAL A 520 4.73 -28.04 0.73
N SER A 521 4.66 -27.79 -0.57
CA SER A 521 4.49 -28.87 -1.53
C SER A 521 5.69 -28.99 -2.38
N ARG A 522 6.25 -30.20 -2.50
CA ARG A 522 7.37 -30.38 -3.41
C ARG A 522 6.83 -30.86 -4.78
N PRO A 523 7.48 -30.45 -5.86
CA PRO A 523 7.04 -30.74 -7.21
C PRO A 523 7.34 -32.20 -7.59
N ASN A 524 6.54 -32.74 -8.50
CA ASN A 524 6.90 -33.96 -9.27
C ASN A 524 7.65 -33.51 -10.50
N TYR A 525 8.55 -34.35 -11.01
CA TYR A 525 9.30 -34.06 -12.21
C TYR A 525 8.99 -35.20 -13.20
N PRO A 526 7.85 -35.13 -13.87
CA PRO A 526 7.43 -36.24 -14.74
C PRO A 526 8.26 -36.38 -16.00
N GLY A 527 8.49 -37.63 -16.41
CA GLY A 527 9.07 -37.82 -17.71
C GLY A 527 7.99 -38.27 -18.69
N ILE A 528 8.44 -38.81 -19.82
CA ILE A 528 7.45 -39.22 -20.85
C ILE A 528 6.71 -40.46 -20.41
N MET A 529 5.40 -40.34 -20.20
CA MET A 529 4.64 -41.40 -19.56
CA MET A 529 4.65 -41.43 -19.58
C MET A 529 3.38 -41.83 -20.30
N TYR A 530 3.03 -41.11 -21.36
CA TYR A 530 1.78 -41.31 -22.09
C TYR A 530 1.98 -41.31 -23.57
N LEU A 531 1.24 -42.18 -24.26
CA LEU A 531 1.29 -42.17 -25.71
C LEU A 531 0.22 -41.23 -26.25
N GLN A 532 0.51 -40.63 -27.41
CA GLN A 532 -0.39 -39.66 -28.06
C GLN A 532 -1.84 -40.20 -28.15
N SER A 533 -1.97 -41.48 -28.49
CA SER A 533 -3.32 -42.04 -28.69
C SER A 533 -4.13 -42.21 -27.40
N GLU A 534 -3.52 -42.02 -26.23
CA GLU A 534 -4.27 -42.05 -24.97
C GLU A 534 -5.08 -40.78 -24.78
N PHE A 535 -4.76 -39.76 -25.56
CA PHE A 535 -5.45 -38.46 -25.40
C PHE A 535 -6.64 -38.38 -26.34
N ASP A 536 -7.76 -37.95 -25.77
CA ASP A 536 -8.97 -37.70 -26.54
C ASP A 536 -9.51 -36.31 -26.15
N LEU A 537 -8.77 -35.29 -26.53
CA LEU A 537 -9.03 -33.98 -25.99
C LEU A 537 -9.72 -33.15 -27.03
N GLY A 538 -9.87 -33.67 -28.26
CA GLY A 538 -10.50 -32.92 -29.33
C GLY A 538 -9.61 -31.85 -29.89
N CYS A 539 -8.31 -32.01 -29.65
CA CYS A 539 -7.32 -31.05 -30.16
C CYS A 539 -6.72 -31.58 -31.44
N THR A 540 -6.19 -30.67 -32.26
CA THR A 540 -5.48 -31.07 -33.47
C THR A 540 -4.26 -30.18 -33.58
N CYS A 541 -3.21 -30.72 -34.20
CA CYS A 541 -2.03 -29.95 -34.56
C CYS A 541 -1.35 -30.56 -35.77
N ASP A 542 -1.02 -29.70 -36.73
CA ASP A 542 -0.20 -30.07 -37.88
C ASP A 542 1.29 -30.17 -37.50
N ASP A 543 1.63 -31.19 -36.73
CA ASP A 543 3.02 -31.29 -36.22
C ASP A 543 3.70 -32.61 -36.57
N LYS A 544 3.00 -33.45 -37.36
CA LYS A 544 3.55 -34.73 -37.85
C LYS A 544 4.71 -34.48 -38.82
N VAL A 545 5.27 -33.27 -38.76
CA VAL A 545 6.36 -32.85 -39.62
C VAL A 545 7.68 -33.39 -39.04
N GLU A 546 8.28 -34.35 -39.74
CA GLU A 546 9.39 -35.18 -39.22
C GLU A 546 10.48 -34.40 -38.47
N ASN A 549 17.32 -37.94 -36.09
CA ASN A 549 18.55 -37.16 -36.06
C ASN A 549 19.18 -37.24 -34.66
N LYS A 550 20.24 -38.05 -34.52
CA LYS A 550 20.92 -38.26 -33.23
C LYS A 550 21.58 -37.02 -32.61
N LEU A 551 22.11 -36.12 -33.46
CA LEU A 551 22.66 -34.83 -33.04
C LEU A 551 21.58 -34.03 -32.25
N GLU A 552 20.41 -33.88 -32.88
CA GLU A 552 19.36 -33.02 -32.37
C GLU A 552 18.29 -33.71 -31.50
N GLU A 553 18.28 -35.05 -31.48
CA GLU A 553 17.36 -35.76 -30.59
C GLU A 553 17.85 -35.80 -29.15
N LEU A 554 19.13 -36.10 -28.93
CA LEU A 554 19.68 -35.99 -27.57
C LEU A 554 19.47 -34.57 -27.05
N ASN A 555 19.71 -33.61 -27.93
CA ASN A 555 19.53 -32.19 -27.65
C ASN A 555 18.15 -31.82 -27.09
N LYS A 556 17.10 -32.27 -27.78
CA LYS A 556 15.71 -32.04 -27.35
C LYS A 556 15.39 -32.72 -26.01
N ARG A 557 15.93 -33.94 -25.79
CA ARG A 557 15.78 -34.65 -24.51
C ARG A 557 16.43 -33.90 -23.34
N LEU A 558 17.60 -33.30 -23.59
CA LEU A 558 18.29 -32.53 -22.57
C LEU A 558 17.43 -31.32 -22.15
N HIS A 559 16.84 -30.62 -23.13
CA HIS A 559 15.95 -29.48 -22.81
C HIS A 559 14.77 -29.90 -21.94
N THR A 560 14.20 -31.06 -22.26
CA THR A 560 13.07 -31.57 -21.45
C THR A 560 13.49 -31.98 -20.04
N LYS A 561 14.78 -32.29 -19.85
CA LYS A 561 15.29 -32.60 -18.51
C LYS A 561 15.83 -31.37 -17.77
N GLY A 562 15.80 -30.19 -18.40
CA GLY A 562 16.13 -28.98 -17.67
C GLY A 562 17.45 -28.33 -18.04
N SER A 563 18.05 -28.72 -19.17
CA SER A 563 19.35 -28.15 -19.57
C SER A 563 19.37 -26.63 -19.84
N THR A 564 18.23 -26.01 -20.12
CA THR A 564 18.25 -24.55 -20.29
C THR A 564 17.67 -23.85 -19.05
N LYS A 565 17.38 -24.61 -17.98
CA LYS A 565 16.59 -24.07 -16.86
C LYS A 565 17.30 -22.90 -16.19
N GLU A 566 18.64 -22.90 -16.25
CA GLU A 566 19.43 -21.82 -15.66
C GLU A 566 19.23 -20.47 -16.37
N ARG A 567 18.85 -20.50 -17.63
CA ARG A 567 18.64 -19.31 -18.41
C ARG A 567 17.24 -18.75 -18.11
N HIS A 568 16.29 -19.64 -17.90
CA HIS A 568 14.89 -19.20 -17.82
C HIS A 568 14.32 -19.12 -16.43
N LEU A 569 14.92 -19.82 -15.47
CA LEU A 569 14.59 -19.70 -14.06
C LEU A 569 15.74 -19.05 -13.28
N LEU A 570 15.75 -17.73 -13.25
CA LEU A 570 16.96 -17.03 -12.81
C LEU A 570 17.11 -16.91 -11.32
N TYR A 571 15.98 -16.97 -10.61
CA TYR A 571 15.95 -16.71 -9.18
C TYR A 571 15.43 -17.91 -8.37
N GLY A 572 15.59 -19.13 -8.94
CA GLY A 572 15.12 -20.34 -8.29
C GLY A 572 13.67 -20.58 -8.68
N ARG A 573 13.19 -21.80 -8.47
CA ARG A 573 11.77 -21.93 -8.73
C ARG A 573 10.99 -21.34 -7.55
N PRO A 574 9.81 -20.77 -7.83
CA PRO A 574 8.96 -20.26 -6.76
C PRO A 574 8.57 -21.37 -5.81
N ALA A 575 8.49 -21.06 -4.53
CA ALA A 575 8.01 -22.11 -3.58
C ALA A 575 6.51 -22.11 -3.48
N VAL A 576 5.90 -23.29 -3.37
CA VAL A 576 4.45 -23.43 -3.24
C VAL A 576 4.16 -23.56 -1.75
N LEU A 577 3.47 -22.57 -1.18
CA LEU A 577 3.25 -22.48 0.27
C LEU A 577 1.97 -23.06 0.79
N TYR A 578 1.34 -23.92 0.00
CA TYR A 578 0.17 -24.63 0.46
C TYR A 578 0.27 -26.04 -0.11
N ARG A 579 -0.63 -26.92 0.36
CA ARG A 579 -0.65 -28.32 -0.04
CA ARG A 579 -0.67 -28.32 -0.03
C ARG A 579 -1.34 -28.47 -1.38
N THR A 580 -0.62 -29.00 -2.34
CA THR A 580 -1.21 -29.25 -3.66
C THR A 580 -0.37 -30.25 -4.44
N SER A 581 -0.86 -30.67 -5.60
CA SER A 581 -0.13 -31.56 -6.46
CA SER A 581 -0.10 -31.55 -6.45
C SER A 581 0.24 -30.82 -7.73
N TYR A 582 1.54 -30.73 -8.01
CA TYR A 582 2.00 -30.08 -9.20
C TYR A 582 3.30 -30.64 -9.77
N ASP A 583 3.54 -30.35 -11.03
CA ASP A 583 4.66 -30.90 -11.76
C ASP A 583 5.54 -29.80 -12.31
N ILE A 584 6.86 -29.95 -12.26
CA ILE A 584 7.74 -29.05 -12.99
C ILE A 584 7.92 -29.58 -14.40
N LEU A 585 7.71 -28.71 -15.38
CA LEU A 585 7.83 -29.04 -16.78
C LEU A 585 8.90 -28.18 -17.42
N TYR A 586 9.91 -28.85 -17.97
CA TYR A 586 10.99 -28.08 -18.59
C TYR A 586 10.87 -28.02 -20.09
N HIS A 587 11.34 -26.93 -20.68
CA HIS A 587 11.35 -26.76 -22.14
C HIS A 587 12.52 -25.91 -22.56
N THR A 588 12.81 -25.91 -23.87
CA THR A 588 13.89 -25.10 -24.40
C THR A 588 13.78 -23.65 -23.96
N ASP A 589 12.58 -23.10 -24.06
CA ASP A 589 12.43 -21.64 -23.91
C ASP A 589 11.77 -21.17 -22.59
N PHE A 590 11.26 -22.12 -21.81
CA PHE A 590 10.50 -21.77 -20.63
C PHE A 590 10.36 -22.97 -19.72
N GLU A 591 10.13 -22.66 -18.43
CA GLU A 591 9.89 -23.70 -17.39
CA GLU A 591 9.88 -23.71 -17.43
C GLU A 591 8.58 -23.38 -16.73
N SER A 592 7.83 -24.40 -16.30
CA SER A 592 6.57 -24.08 -15.66
C SER A 592 6.32 -24.98 -14.46
N GLY A 593 5.49 -24.52 -13.52
CA GLY A 593 4.98 -25.39 -12.44
C GLY A 593 3.52 -25.63 -12.74
N TYR A 594 3.18 -26.86 -13.14
CA TYR A 594 1.86 -27.17 -13.70
C TYR A 594 0.98 -27.83 -12.62
N SER A 595 -0.17 -27.22 -12.32
CA SER A 595 -1.09 -27.71 -11.29
C SER A 595 -2.00 -28.79 -11.84
N GLU A 596 -1.94 -29.96 -11.20
CA GLU A 596 -2.85 -31.04 -11.58
C GLU A 596 -4.25 -30.80 -11.07
N ILE A 597 -4.41 -29.88 -10.12
CA ILE A 597 -5.71 -29.56 -9.56
C ILE A 597 -6.41 -28.49 -10.38
N PHE A 598 -5.68 -27.44 -10.79
CA PHE A 598 -6.29 -26.37 -11.57
C PHE A 598 -6.13 -26.56 -13.09
N LEU A 599 -5.40 -27.63 -13.50
CA LEU A 599 -5.22 -28.03 -14.91
C LEU A 599 -4.51 -26.96 -15.75
N MET A 600 -3.59 -26.22 -15.11
CA MET A 600 -2.87 -25.20 -15.82
C MET A 600 -1.67 -24.80 -14.95
N PRO A 601 -0.69 -24.09 -15.55
CA PRO A 601 0.38 -23.69 -14.67
C PRO A 601 0.00 -22.69 -13.59
N LEU A 602 0.68 -22.83 -12.46
CA LEU A 602 0.65 -21.82 -11.41
C LEU A 602 1.59 -20.69 -11.74
N TRP A 603 2.62 -21.02 -12.51
CA TRP A 603 3.64 -20.03 -12.91
C TRP A 603 4.32 -20.61 -14.14
N THR A 604 4.75 -19.71 -14.98
CA THR A 604 5.59 -20.01 -16.15
C THR A 604 6.70 -18.98 -16.18
N SER A 605 7.95 -19.45 -16.36
CA SER A 605 9.11 -18.55 -16.23
C SER A 605 9.95 -18.61 -17.52
N TYR A 606 10.37 -17.45 -18.02
CA TYR A 606 11.19 -17.45 -19.25
C TYR A 606 11.98 -16.18 -19.32
N THR A 607 13.15 -16.26 -19.92
CA THR A 607 13.98 -15.06 -20.12
C THR A 607 14.11 -14.71 -21.59
N ILE A 608 13.94 -13.43 -21.87
CA ILE A 608 14.01 -12.83 -23.19
C ILE A 608 15.17 -11.84 -23.20
N SER A 609 16.21 -12.16 -23.99
CA SER A 609 17.35 -11.26 -24.03
C SER A 609 17.05 -10.03 -24.90
N LYS A 610 17.92 -9.02 -24.82
CA LYS A 610 17.79 -7.81 -25.58
C LYS A 610 17.79 -8.06 -27.09
N GLN A 611 18.50 -9.11 -27.50
CA GLN A 611 18.65 -9.46 -28.91
C GLN A 611 17.56 -10.43 -29.40
N ALA A 612 16.62 -10.81 -28.54
CA ALA A 612 15.59 -11.77 -28.93
C ALA A 612 14.78 -11.29 -30.11
N GLU A 613 14.32 -12.21 -30.94
CA GLU A 613 13.56 -11.83 -32.10
C GLU A 613 12.09 -12.30 -31.90
N VAL A 614 11.17 -11.47 -32.36
CA VAL A 614 9.73 -11.74 -32.30
C VAL A 614 9.37 -12.41 -33.63
N SER A 615 8.61 -13.49 -33.56
CA SER A 615 8.10 -14.13 -34.79
C SER A 615 6.60 -14.30 -34.70
N SER A 616 5.99 -14.84 -35.76
CA SER A 616 4.55 -14.95 -35.83
C SER A 616 4.15 -16.37 -35.44
N ILE A 617 2.86 -16.60 -35.21
CA ILE A 617 2.36 -17.94 -35.15
C ILE A 617 2.16 -18.42 -36.60
N PRO A 618 2.91 -19.43 -37.05
CA PRO A 618 2.84 -19.85 -38.46
C PRO A 618 1.43 -20.32 -38.82
N GLU A 619 1.07 -20.13 -40.08
CA GLU A 619 -0.27 -20.48 -40.55
C GLU A 619 -0.66 -21.88 -40.22
N HIS A 620 0.25 -22.85 -40.38
CA HIS A 620 -0.15 -24.23 -40.17
C HIS A 620 -0.38 -24.54 -38.68
N LEU A 621 0.03 -23.63 -37.80
CA LEU A 621 -0.07 -23.84 -36.33
C LEU A 621 -1.14 -22.96 -35.67
N THR A 622 -1.95 -22.27 -36.46
CA THR A 622 -2.91 -21.30 -35.86
C THR A 622 -3.79 -21.88 -34.75
N ASN A 623 -4.34 -23.04 -35.01
CA ASN A 623 -5.23 -23.64 -34.03
C ASN A 623 -4.58 -24.89 -33.42
N CYS A 624 -3.26 -24.95 -33.49
CA CYS A 624 -2.52 -26.09 -32.94
C CYS A 624 -2.59 -26.16 -31.39
N VAL A 625 -3.06 -27.27 -30.86
CA VAL A 625 -2.84 -27.62 -29.41
C VAL A 625 -2.37 -29.07 -29.32
N ARG A 626 -1.31 -29.30 -28.56
CA ARG A 626 -0.63 -30.59 -28.58
C ARG A 626 -0.72 -31.23 -27.19
N PRO A 627 -1.13 -32.53 -27.11
CA PRO A 627 -1.03 -33.22 -25.83
C PRO A 627 0.42 -33.23 -25.29
N ASP A 628 0.53 -33.16 -23.96
CA ASP A 628 1.81 -33.19 -23.30
C ASP A 628 2.00 -34.59 -22.74
N VAL A 629 2.92 -35.33 -23.34
CA VAL A 629 3.04 -36.79 -22.99
C VAL A 629 3.64 -36.98 -21.61
N ARG A 630 3.99 -35.89 -20.93
CA ARG A 630 4.41 -36.03 -19.52
C ARG A 630 3.24 -35.99 -18.52
N VAL A 631 2.08 -35.54 -18.96
CA VAL A 631 0.93 -35.25 -18.07
C VAL A 631 -0.29 -36.03 -18.53
N SER A 632 -0.96 -36.68 -17.58
CA SER A 632 -2.05 -37.60 -17.94
CA SER A 632 -2.07 -37.58 -17.89
C SER A 632 -3.19 -36.87 -18.66
N PRO A 633 -3.91 -37.57 -19.59
CA PRO A 633 -5.10 -36.98 -20.18
C PRO A 633 -6.05 -36.47 -19.07
N GLY A 634 -6.15 -37.21 -17.97
CA GLY A 634 -7.02 -36.85 -16.83
C GLY A 634 -6.66 -35.54 -16.14
N PHE A 635 -5.42 -35.13 -16.28
CA PHE A 635 -4.94 -33.89 -15.65
C PHE A 635 -4.68 -32.81 -16.69
N SER A 636 -5.33 -32.92 -17.85
CA SER A 636 -5.10 -31.98 -18.95
C SER A 636 -6.38 -31.23 -19.25
N GLN A 637 -6.23 -30.03 -19.81
CA GLN A 637 -7.38 -29.36 -20.43
C GLN A 637 -7.76 -30.09 -21.73
N ASN A 638 -8.87 -29.67 -22.33
CA ASN A 638 -9.27 -30.30 -23.61
C ASN A 638 -9.82 -29.23 -24.48
N CYS A 639 -9.60 -29.38 -25.78
CA CYS A 639 -10.03 -28.39 -26.77
C CYS A 639 -11.52 -28.33 -26.97
N LEU A 640 -12.21 -29.43 -26.75
CA LEU A 640 -13.65 -29.48 -27.02
C LEU A 640 -14.41 -28.57 -26.08
N ALA A 641 -13.96 -28.49 -24.84
CA ALA A 641 -14.54 -27.54 -23.88
C ALA A 641 -14.52 -26.09 -24.42
N TYR A 642 -13.42 -25.65 -25.05
CA TYR A 642 -13.32 -24.32 -25.63
C TYR A 642 -14.20 -24.19 -26.86
N LYS A 643 -14.30 -25.26 -27.65
CA LYS A 643 -15.20 -25.18 -28.82
C LYS A 643 -16.64 -24.98 -28.34
N ASN A 644 -17.04 -25.76 -27.36
CA ASN A 644 -18.40 -25.67 -26.80
C ASN A 644 -18.74 -24.37 -26.04
N ASP A 645 -17.75 -23.73 -25.42
CA ASP A 645 -17.98 -22.51 -24.61
C ASP A 645 -17.91 -21.32 -25.52
N LYS A 646 -19.07 -20.79 -25.87
CA LYS A 646 -19.08 -19.79 -26.92
C LYS A 646 -18.52 -18.46 -26.45
N GLN A 647 -18.40 -18.29 -25.14
CA GLN A 647 -17.84 -17.06 -24.56
C GLN A 647 -16.33 -17.10 -24.32
N MET A 648 -15.75 -18.31 -24.33
CA MET A 648 -14.39 -18.48 -23.79
C MET A 648 -13.45 -18.97 -24.85
N SER A 649 -12.30 -18.35 -24.96
CA SER A 649 -11.26 -18.83 -25.82
C SER A 649 -10.06 -19.26 -24.92
N TYR A 650 -8.88 -19.35 -25.52
CA TYR A 650 -7.67 -19.67 -24.76
C TYR A 650 -6.48 -18.88 -25.25
N GLY A 651 -5.46 -18.75 -24.39
CA GLY A 651 -4.19 -18.13 -24.73
C GLY A 651 -3.10 -19.03 -24.17
N PHE A 652 -1.87 -18.57 -24.28
CA PHE A 652 -0.73 -19.34 -23.81
C PHE A 652 0.06 -18.49 -22.84
N LEU A 653 0.64 -19.14 -21.85
CA LEU A 653 1.44 -18.40 -20.88
C LEU A 653 2.82 -18.05 -21.41
N PHE A 654 3.57 -19.04 -21.90
CA PHE A 654 4.76 -18.69 -22.65
C PHE A 654 4.34 -18.35 -24.07
N PRO A 655 4.70 -17.15 -24.54
CA PRO A 655 4.15 -16.74 -25.86
C PRO A 655 4.87 -17.39 -27.05
N PRO A 656 4.14 -18.00 -27.96
CA PRO A 656 4.73 -18.58 -29.15
C PRO A 656 5.50 -17.55 -29.98
N TYR A 657 5.13 -16.27 -29.92
CA TYR A 657 5.84 -15.21 -30.67
C TYR A 657 7.28 -15.07 -30.28
N LEU A 658 7.66 -15.55 -29.08
CA LEU A 658 9.02 -15.39 -28.61
C LEU A 658 9.85 -16.68 -28.56
N SER A 659 9.37 -17.68 -29.30
CA SER A 659 10.14 -18.93 -29.43
C SER A 659 11.56 -18.68 -29.96
N SER A 660 12.51 -19.50 -29.52
CA SER A 660 13.90 -19.30 -29.90
C SER A 660 14.18 -19.90 -31.30
N SER A 661 13.31 -20.76 -31.81
CA SER A 661 13.52 -21.38 -33.14
C SER A 661 12.21 -21.95 -33.62
N PRO A 662 12.07 -22.19 -34.95
CA PRO A 662 10.83 -22.84 -35.41
C PRO A 662 10.54 -24.15 -34.70
N GLU A 663 11.56 -24.95 -34.41
CA GLU A 663 11.30 -26.21 -33.75
C GLU A 663 10.90 -26.04 -32.28
N ALA A 664 11.50 -25.07 -31.58
CA ALA A 664 11.17 -24.85 -30.17
C ALA A 664 9.73 -24.33 -30.08
N LYS A 665 9.29 -23.65 -31.14
CA LYS A 665 7.97 -23.07 -31.09
C LYS A 665 6.88 -24.10 -30.80
N TYR A 666 7.08 -25.36 -31.24
CA TYR A 666 6.04 -26.37 -30.98
C TYR A 666 5.73 -26.54 -29.51
N ASP A 667 6.73 -26.31 -28.65
CA ASP A 667 6.55 -26.49 -27.20
C ASP A 667 5.49 -25.52 -26.67
N ALA A 668 5.45 -24.35 -27.28
CA ALA A 668 4.50 -23.31 -26.90
C ALA A 668 3.08 -23.67 -27.11
N PHE A 669 2.80 -24.62 -28.01
CA PHE A 669 1.44 -25.06 -28.22
C PHE A 669 1.01 -26.28 -27.39
N LEU A 670 1.85 -26.69 -26.43
CA LEU A 670 1.41 -27.78 -25.54
C LEU A 670 0.18 -27.42 -24.76
N VAL A 671 -0.67 -28.40 -24.53
CA VAL A 671 -1.92 -28.16 -23.76
C VAL A 671 -1.62 -27.72 -22.32
N THR A 672 -0.42 -28.04 -21.83
CA THR A 672 0.04 -27.66 -20.50
C THR A 672 0.52 -26.18 -20.44
N ASN A 673 0.50 -25.48 -21.57
CA ASN A 673 0.87 -24.03 -21.61
C ASN A 673 -0.39 -23.18 -21.86
N MET A 674 -1.53 -23.81 -22.04
CA MET A 674 -2.82 -23.14 -22.39
CA MET A 674 -2.75 -23.03 -22.38
C MET A 674 -3.56 -22.64 -21.16
N VAL A 675 -4.24 -21.48 -21.28
CA VAL A 675 -5.04 -21.00 -20.17
C VAL A 675 -6.30 -20.40 -20.78
N PRO A 676 -7.41 -20.43 -19.99
CA PRO A 676 -8.66 -19.88 -20.55
C PRO A 676 -8.65 -18.38 -20.58
N MET A 677 -9.08 -17.83 -21.73
CA MET A 677 -9.08 -16.39 -21.91
C MET A 677 -10.26 -15.94 -22.73
N TYR A 678 -11.00 -14.99 -22.17
CA TYR A 678 -12.08 -14.35 -22.98
C TYR A 678 -11.46 -13.69 -24.19
N PRO A 679 -12.17 -13.69 -25.33
CA PRO A 679 -11.61 -12.99 -26.49
C PRO A 679 -11.27 -11.52 -26.21
N ALA A 680 -12.04 -10.82 -25.37
CA ALA A 680 -11.73 -9.39 -25.13
C ALA A 680 -10.38 -9.27 -24.41
N PHE A 681 -10.16 -10.22 -23.51
CA PHE A 681 -8.88 -10.23 -22.77
C PHE A 681 -7.71 -10.64 -23.67
N LYS A 682 -7.96 -11.55 -24.59
CA LYS A 682 -6.89 -11.92 -25.53
C LYS A 682 -6.31 -10.77 -26.31
N ARG A 683 -7.13 -9.77 -26.59
CA ARG A 683 -6.58 -8.57 -27.22
C ARG A 683 -5.46 -7.92 -26.38
N VAL A 684 -5.71 -7.85 -25.07
CA VAL A 684 -4.75 -7.30 -24.15
C VAL A 684 -3.49 -8.18 -24.06
N TRP A 685 -3.73 -9.45 -23.81
CA TRP A 685 -2.68 -10.42 -23.57
C TRP A 685 -1.73 -10.57 -24.78
N ALA A 686 -2.31 -10.62 -26.00
CA ALA A 686 -1.56 -10.86 -27.23
C ALA A 686 -0.69 -9.62 -27.50
N TYR A 687 -1.19 -8.44 -27.14
CA TYR A 687 -0.37 -7.24 -27.33
C TYR A 687 0.76 -7.21 -26.31
N PHE A 688 0.48 -7.53 -25.05
CA PHE A 688 1.55 -7.65 -24.04
C PHE A 688 2.62 -8.64 -24.57
N GLN A 689 2.20 -9.80 -25.08
CA GLN A 689 3.22 -10.83 -25.40
C GLN A 689 3.96 -10.56 -26.71
N ARG A 690 3.27 -10.04 -27.71
CA ARG A 690 3.84 -9.86 -29.05
C ARG A 690 4.65 -8.58 -29.10
N VAL A 691 4.18 -7.52 -28.43
CA VAL A 691 4.84 -6.21 -28.51
C VAL A 691 5.61 -5.79 -27.23
N LEU A 692 4.94 -5.86 -26.08
CA LEU A 692 5.50 -5.20 -24.90
C LEU A 692 6.63 -6.00 -24.27
N VAL A 693 6.58 -7.33 -24.26
CA VAL A 693 7.69 -8.07 -23.67
C VAL A 693 9.00 -7.72 -24.39
N LYS A 694 8.99 -7.77 -25.72
CA LYS A 694 10.21 -7.43 -26.42
CA LYS A 694 10.14 -7.38 -26.54
C LYS A 694 10.61 -5.96 -26.19
N LYS A 695 9.64 -5.06 -26.11
CA LYS A 695 9.97 -3.64 -25.80
C LYS A 695 10.68 -3.50 -24.47
N TYR A 696 10.13 -4.16 -23.44
CA TYR A 696 10.86 -4.19 -22.18
C TYR A 696 12.25 -4.80 -22.24
N ALA A 697 12.44 -5.89 -22.98
CA ALA A 697 13.75 -6.55 -23.02
C ALA A 697 14.71 -5.58 -23.68
N SER A 698 14.21 -4.83 -24.63
CA SER A 698 15.02 -3.85 -25.37
CA SER A 698 15.06 -3.87 -25.37
C SER A 698 15.47 -2.71 -24.46
N GLU A 699 14.51 -2.17 -23.71
CA GLU A 699 14.75 -1.09 -22.77
C GLU A 699 15.56 -1.46 -21.52
N ARG A 700 15.41 -2.70 -21.03
CA ARG A 700 15.98 -3.07 -19.74
C ARG A 700 17.18 -3.99 -19.84
N ASN A 701 17.58 -4.26 -21.07
CA ASN A 701 18.68 -5.18 -21.36
C ASN A 701 18.38 -6.65 -20.95
N GLY A 702 17.33 -7.16 -21.56
CA GLY A 702 16.81 -8.50 -21.20
C GLY A 702 15.81 -8.40 -20.04
N VAL A 703 14.81 -9.26 -20.06
CA VAL A 703 13.92 -9.38 -18.87
C VAL A 703 13.68 -10.87 -18.60
N ASN A 704 13.45 -11.21 -17.36
CA ASN A 704 12.92 -12.50 -16.98
C ASN A 704 11.44 -12.26 -16.67
N VAL A 705 10.58 -13.10 -17.22
CA VAL A 705 9.13 -12.94 -17.00
C VAL A 705 8.62 -14.18 -16.27
N ILE A 706 7.81 -13.97 -15.26
CA ILE A 706 7.07 -15.10 -14.66
C ILE A 706 5.62 -14.69 -14.78
N SER A 707 4.78 -15.53 -15.41
CA SER A 707 3.36 -15.21 -15.63
C SER A 707 2.50 -16.34 -15.12
N GLY A 708 1.25 -16.03 -14.84
CA GLY A 708 0.36 -17.10 -14.34
C GLY A 708 -1.03 -16.59 -14.08
N PRO A 709 -1.90 -17.51 -13.76
CA PRO A 709 -3.26 -17.17 -13.40
C PRO A 709 -3.40 -16.80 -11.90
N ILE A 710 -4.47 -16.09 -11.59
CA ILE A 710 -4.91 -15.81 -10.22
C ILE A 710 -6.38 -16.06 -10.10
N PHE A 711 -6.77 -16.69 -8.98
CA PHE A 711 -8.18 -16.94 -8.70
C PHE A 711 -8.49 -16.25 -7.38
N ASP A 712 -9.31 -15.19 -7.45
CA ASP A 712 -9.75 -14.49 -6.27
C ASP A 712 -11.23 -14.13 -6.35
N TYR A 713 -12.06 -15.19 -6.37
CA TYR A 713 -13.50 -14.96 -6.55
C TYR A 713 -14.14 -14.30 -5.34
N ASN A 714 -13.54 -14.42 -4.16
CA ASN A 714 -14.11 -13.70 -2.97
C ASN A 714 -13.42 -12.37 -2.65
N TYR A 715 -12.61 -11.88 -3.61
CA TYR A 715 -11.97 -10.57 -3.53
C TYR A 715 -11.37 -10.26 -2.15
N ASP A 716 -10.71 -11.26 -1.55
CA ASP A 716 -10.02 -11.00 -0.25
C ASP A 716 -8.53 -10.77 -0.41
N GLY A 717 -8.06 -10.74 -1.67
CA GLY A 717 -6.60 -10.58 -1.96
C GLY A 717 -5.79 -11.83 -1.68
N LEU A 718 -6.45 -12.95 -1.40
CA LEU A 718 -5.75 -14.19 -1.11
C LEU A 718 -6.17 -15.31 -2.04
N ARG A 719 -5.20 -16.18 -2.36
CA ARG A 719 -5.42 -17.36 -3.19
C ARG A 719 -6.72 -18.09 -2.84
N ASP A 720 -7.55 -18.31 -3.84
CA ASP A 720 -8.76 -19.17 -3.64
C ASP A 720 -8.35 -20.64 -3.54
N THR A 721 -9.05 -21.37 -2.68
CA THR A 721 -9.00 -22.82 -2.73
C THR A 721 -9.92 -23.32 -3.87
N GLU A 722 -9.78 -24.60 -4.23
CA GLU A 722 -10.53 -25.16 -5.36
C GLU A 722 -12.03 -25.02 -5.19
N ASP A 723 -12.50 -25.10 -3.95
CA ASP A 723 -13.96 -25.03 -3.71
C ASP A 723 -14.55 -23.62 -3.66
N GLU A 724 -13.72 -22.60 -3.96
CA GLU A 724 -14.16 -21.20 -4.01
C GLU A 724 -14.35 -20.69 -5.43
N ILE A 725 -14.04 -21.57 -6.42
CA ILE A 725 -14.07 -21.17 -7.84
C ILE A 725 -15.50 -21.06 -8.34
N LYS A 726 -15.88 -19.89 -8.78
CA LYS A 726 -17.26 -19.67 -9.25
C LYS A 726 -17.53 -19.91 -10.71
N GLN A 727 -16.47 -20.04 -11.53
CA GLN A 727 -16.70 -20.17 -12.94
C GLN A 727 -15.68 -21.15 -13.54
N TYR A 728 -16.18 -21.99 -14.44
CA TYR A 728 -15.44 -23.02 -15.16
C TYR A 728 -15.73 -22.84 -16.66
N VAL A 729 -14.79 -23.29 -17.49
CA VAL A 729 -15.03 -23.36 -18.89
C VAL A 729 -16.22 -24.34 -19.05
N GLU A 730 -17.21 -23.91 -19.82
CA GLU A 730 -18.51 -24.62 -19.89
C GLU A 730 -18.29 -26.13 -20.08
N GLY A 731 -18.86 -26.93 -19.18
CA GLY A 731 -18.88 -28.37 -19.37
C GLY A 731 -17.68 -29.08 -18.78
N SER A 732 -16.75 -28.33 -18.21
CA SER A 732 -15.45 -28.89 -17.85
C SER A 732 -15.12 -28.57 -16.42
N SER A 733 -13.96 -29.08 -16.00
CA SER A 733 -13.42 -28.77 -14.69
C SER A 733 -12.25 -27.75 -14.80
N ILE A 734 -12.19 -27.02 -15.91
CA ILE A 734 -11.09 -26.04 -16.12
C ILE A 734 -11.58 -24.73 -15.44
N PRO A 735 -10.91 -24.31 -14.35
CA PRO A 735 -11.37 -23.12 -13.60
C PRO A 735 -10.97 -21.85 -14.38
N VAL A 736 -11.80 -20.79 -14.28
CA VAL A 736 -11.50 -19.60 -15.02
C VAL A 736 -10.80 -18.60 -14.05
N PRO A 737 -9.58 -18.13 -14.42
CA PRO A 737 -8.88 -17.15 -13.55
C PRO A 737 -9.68 -15.85 -13.47
N THR A 738 -9.58 -15.16 -12.34
CA THR A 738 -10.14 -13.81 -12.25
C THR A 738 -9.12 -12.80 -12.74
N HIS A 739 -7.83 -13.15 -12.76
CA HIS A 739 -6.79 -12.20 -13.17
C HIS A 739 -5.64 -12.99 -13.75
N TYR A 740 -4.76 -12.29 -14.48
CA TYR A 740 -3.49 -12.87 -14.92
C TYR A 740 -2.40 -11.96 -14.47
N TYR A 741 -1.33 -12.53 -13.94
CA TYR A 741 -0.18 -11.68 -13.47
C TYR A 741 1.03 -11.85 -14.34
N SER A 742 1.96 -10.90 -14.27
CA SER A 742 3.33 -11.10 -14.77
C SER A 742 4.29 -10.31 -13.89
N ILE A 743 5.43 -10.95 -13.61
CA ILE A 743 6.50 -10.30 -12.85
C ILE A 743 7.67 -10.20 -13.79
N ILE A 744 8.16 -8.97 -13.98
CA ILE A 744 9.16 -8.74 -15.04
C ILE A 744 10.42 -8.19 -14.37
N THR A 745 11.47 -9.01 -14.34
CA THR A 745 12.69 -8.69 -13.53
C THR A 745 13.88 -8.53 -14.44
N SER A 746 14.72 -7.56 -14.07
CA SER A 746 15.97 -7.37 -14.80
C SER A 746 17.02 -6.82 -13.86
N CYS A 747 18.20 -6.45 -14.40
CA CYS A 747 19.29 -5.97 -13.54
C CYS A 747 19.13 -4.49 -13.27
N LEU A 748 19.29 -4.05 -12.02
CA LEU A 748 19.13 -2.61 -11.71
C LEU A 748 20.19 -1.84 -12.50
N ASP A 749 21.37 -2.44 -12.58
CA ASP A 749 22.42 -1.90 -13.48
C ASP A 749 22.19 -2.48 -14.88
N PHE A 750 21.50 -1.71 -15.72
CA PHE A 750 21.02 -2.16 -17.02
C PHE A 750 22.15 -2.30 -18.05
N THR A 751 23.39 -1.95 -17.65
CA THR A 751 24.57 -2.33 -18.43
C THR A 751 24.84 -3.80 -18.38
N GLN A 752 24.27 -4.54 -17.41
CA GLN A 752 24.40 -5.98 -17.40
C GLN A 752 23.07 -6.63 -17.85
N PRO A 753 23.18 -7.68 -18.67
CA PRO A 753 21.98 -8.37 -19.16
C PRO A 753 21.23 -9.05 -18.00
N ALA A 754 19.91 -9.20 -18.13
CA ALA A 754 19.14 -9.80 -17.06
C ALA A 754 19.69 -11.13 -16.61
N ASP A 755 20.27 -11.89 -17.55
CA ASP A 755 20.69 -13.25 -17.21
C ASP A 755 22.11 -13.33 -16.68
N LYS A 756 22.80 -12.20 -16.62
CA LYS A 756 24.16 -12.16 -16.07
C LYS A 756 24.30 -10.95 -15.18
N CYS A 757 23.40 -10.82 -14.20
CA CYS A 757 23.36 -9.66 -13.33
C CYS A 757 24.10 -9.95 -12.03
N ASP A 758 25.10 -9.13 -11.68
CA ASP A 758 25.88 -9.32 -10.45
C ASP A 758 25.31 -8.70 -9.17
N GLY A 759 24.37 -7.74 -9.30
CA GLY A 759 23.97 -6.94 -8.15
C GLY A 759 22.45 -6.86 -7.94
N PRO A 760 21.97 -5.73 -7.43
CA PRO A 760 20.52 -5.56 -7.17
C PRO A 760 19.67 -5.75 -8.42
N LEU A 761 18.41 -6.17 -8.19
CA LEU A 761 17.45 -6.36 -9.28
C LEU A 761 16.52 -5.17 -9.41
N SER A 762 15.78 -5.14 -10.53
CA SER A 762 14.77 -4.14 -10.82
C SER A 762 13.53 -4.94 -11.23
N VAL A 763 12.33 -4.56 -10.74
CA VAL A 763 11.13 -5.35 -11.06
C VAL A 763 9.99 -4.41 -11.38
N SER A 764 9.10 -4.88 -12.26
CA SER A 764 7.78 -4.28 -12.38
C SER A 764 6.80 -5.45 -12.59
N SER A 765 5.57 -5.30 -12.11
CA SER A 765 4.63 -6.44 -12.17
C SER A 765 3.25 -5.90 -12.45
N PHE A 766 2.37 -6.77 -12.88
CA PHE A 766 0.95 -6.37 -12.97
C PHE A 766 0.03 -7.53 -12.61
N ILE A 767 -1.20 -7.19 -12.25
CA ILE A 767 -2.24 -8.16 -12.04
C ILE A 767 -3.43 -7.68 -12.88
N LEU A 768 -3.61 -8.25 -14.08
CA LEU A 768 -4.62 -7.69 -15.00
C LEU A 768 -5.93 -8.42 -14.74
N PRO A 769 -7.05 -7.67 -14.66
CA PRO A 769 -8.34 -8.36 -14.47
C PRO A 769 -8.76 -9.11 -15.73
N HIS A 770 -9.24 -10.34 -15.52
CA HIS A 770 -9.58 -11.19 -16.66
C HIS A 770 -11.08 -10.96 -16.97
N ARG A 771 -11.34 -9.95 -17.78
CA ARG A 771 -12.74 -9.50 -18.00
C ARG A 771 -13.22 -9.85 -19.41
N PRO A 772 -14.53 -10.15 -19.55
CA PRO A 772 -15.07 -10.55 -20.84
C PRO A 772 -15.35 -9.37 -21.77
N ASP A 773 -15.07 -8.13 -21.31
CA ASP A 773 -15.17 -6.97 -22.18
C ASP A 773 -14.05 -6.02 -21.81
N ASN A 774 -13.88 -5.00 -22.62
CA ASN A 774 -12.90 -3.96 -22.34
C ASN A 774 -13.62 -2.66 -21.99
N ASP A 775 -14.74 -2.77 -21.28
CA ASP A 775 -15.48 -1.56 -20.91
C ASP A 775 -14.65 -0.62 -20.03
N GLU A 776 -13.70 -1.17 -19.27
CA GLU A 776 -12.84 -0.32 -18.45
C GLU A 776 -12.03 0.63 -19.32
N SER A 777 -11.68 0.22 -20.53
CA SER A 777 -10.88 1.07 -21.39
C SER A 777 -11.76 1.78 -22.43
N CYS A 778 -12.00 3.08 -22.22
CA CYS A 778 -12.94 3.81 -23.08
C CYS A 778 -12.49 3.94 -24.54
N ASN A 779 -11.18 3.80 -24.80
CA ASN A 779 -10.61 3.83 -26.17
C ASN A 779 -10.27 2.48 -26.76
N SER A 780 -10.88 1.43 -26.22
CA SER A 780 -10.56 0.05 -26.67
C SER A 780 -10.94 -0.26 -28.12
N SER A 781 -11.77 0.56 -28.75
CA SER A 781 -12.03 0.36 -30.19
CA SER A 781 -12.02 0.34 -30.19
C SER A 781 -10.81 0.70 -31.03
N GLU A 782 -9.88 1.45 -30.47
CA GLU A 782 -8.68 1.82 -31.18
C GLU A 782 -7.62 0.70 -31.15
N ASP A 783 -6.52 0.91 -31.86
CA ASP A 783 -5.44 -0.06 -31.88
C ASP A 783 -4.90 -0.18 -30.46
N GLU A 784 -4.55 -1.40 -30.10
CA GLU A 784 -4.03 -1.74 -28.77
C GLU A 784 -2.85 -0.83 -28.35
N SER A 785 -2.04 -0.32 -29.29
CA SER A 785 -0.98 0.64 -28.96
C SER A 785 -1.47 1.95 -28.33
N LYS A 786 -2.78 2.18 -28.33
CA LYS A 786 -3.34 3.42 -27.77
C LYS A 786 -4.06 3.19 -26.43
N TRP A 787 -4.19 1.94 -25.97
CA TRP A 787 -4.91 1.70 -24.75
C TRP A 787 -4.40 0.61 -23.82
N VAL A 788 -3.71 -0.40 -24.39
CA VAL A 788 -3.36 -1.56 -23.56
C VAL A 788 -2.35 -1.22 -22.47
N GLU A 789 -1.30 -0.49 -22.82
CA GLU A 789 -0.26 -0.22 -21.80
C GLU A 789 -0.84 0.69 -20.68
N GLU A 790 -1.75 1.61 -21.05
CA GLU A 790 -2.48 2.43 -20.06
C GLU A 790 -3.27 1.52 -19.07
N LEU A 791 -3.96 0.52 -19.60
CA LEU A 791 -4.61 -0.46 -18.74
C LEU A 791 -3.64 -1.16 -17.79
N MET A 792 -2.56 -1.64 -18.35
CA MET A 792 -1.56 -2.34 -17.57
C MET A 792 -0.95 -1.46 -16.46
N LYS A 793 -0.72 -0.17 -16.76
CA LYS A 793 -0.19 0.73 -15.73
C LYS A 793 -1.15 0.90 -14.58
N MET A 794 -2.45 1.02 -14.88
CA MET A 794 -3.47 1.09 -13.89
CA MET A 794 -3.47 1.11 -13.85
C MET A 794 -3.47 -0.11 -12.93
N HIS A 795 -3.09 -1.27 -13.47
CA HIS A 795 -3.10 -2.55 -12.75
C HIS A 795 -1.68 -3.04 -12.37
N THR A 796 -0.78 -2.05 -12.24
CA THR A 796 0.54 -2.32 -11.71
C THR A 796 0.42 -2.96 -10.28
N ALA A 797 1.40 -3.80 -9.91
CA ALA A 797 1.30 -4.49 -8.64
C ALA A 797 2.65 -4.73 -8.00
N ARG A 798 2.64 -5.04 -6.70
CA ARG A 798 3.90 -5.48 -6.04
C ARG A 798 3.99 -6.97 -6.21
N VAL A 799 5.21 -7.49 -6.22
CA VAL A 799 5.34 -8.97 -6.19
C VAL A 799 4.64 -9.52 -4.92
N ARG A 800 4.69 -8.81 -3.78
CA ARG A 800 4.01 -9.30 -2.59
C ARG A 800 2.50 -9.47 -2.83
N ASP A 801 1.89 -8.60 -3.66
CA ASP A 801 0.44 -8.71 -3.93
C ASP A 801 0.16 -10.04 -4.64
N ILE A 802 1.04 -10.40 -5.56
CA ILE A 802 0.92 -11.66 -6.35
C ILE A 802 1.17 -12.85 -5.43
N GLU A 803 2.13 -12.71 -4.51
CA GLU A 803 2.38 -13.78 -3.52
C GLU A 803 1.11 -14.10 -2.72
N HIS A 804 0.47 -13.06 -2.22
CA HIS A 804 -0.79 -13.29 -1.45
C HIS A 804 -1.84 -14.01 -2.31
N LEU A 805 -1.96 -13.59 -3.55
CA LEU A 805 -2.99 -14.07 -4.44
C LEU A 805 -2.72 -15.46 -5.01
N THR A 806 -1.49 -15.95 -4.86
CA THR A 806 -1.11 -17.26 -5.49
C THR A 806 -0.59 -18.28 -4.51
N GLY A 807 -0.23 -17.85 -3.29
CA GLY A 807 0.44 -18.79 -2.34
C GLY A 807 1.80 -19.23 -2.82
N LEU A 808 2.42 -18.43 -3.67
CA LEU A 808 3.80 -18.71 -4.15
C LEU A 808 4.78 -17.73 -3.47
N ASP A 809 6.02 -18.16 -3.38
CA ASP A 809 7.07 -17.30 -2.78
C ASP A 809 8.21 -17.25 -3.83
N PHE A 810 8.48 -16.07 -4.35
CA PHE A 810 9.44 -15.83 -5.42
C PHE A 810 10.81 -15.38 -4.91
N TYR A 811 11.76 -15.34 -5.84
CA TYR A 811 13.15 -14.91 -5.55
C TYR A 811 13.83 -15.69 -4.42
N ARG A 812 13.64 -17.01 -4.43
CA ARG A 812 14.22 -17.82 -3.36
C ARG A 812 15.71 -18.09 -3.47
N LYS A 813 16.26 -17.92 -4.67
CA LYS A 813 17.69 -18.24 -4.92
C LYS A 813 18.33 -17.11 -5.67
N THR A 814 18.80 -16.12 -4.94
CA THR A 814 19.46 -14.99 -5.55
C THR A 814 20.76 -14.85 -4.76
N SER A 815 21.60 -13.92 -5.22
N SER A 815 21.64 -13.96 -5.20
CA SER A 815 22.82 -13.57 -4.47
CA SER A 815 22.77 -13.65 -4.32
C SER A 815 22.59 -12.54 -3.35
C SER A 815 22.63 -12.29 -3.65
N ARG A 816 21.37 -11.97 -3.31
CA ARG A 816 21.06 -10.80 -2.50
C ARG A 816 20.59 -11.15 -1.07
N SER A 817 20.78 -10.21 -0.14
CA SER A 817 20.28 -10.43 1.23
C SER A 817 18.75 -10.55 1.25
N TYR A 818 18.23 -11.27 2.22
CA TYR A 818 16.80 -11.52 2.23
C TYR A 818 16.03 -10.22 2.46
N SER A 819 16.55 -9.33 3.33
CA SER A 819 15.82 -8.06 3.54
CA SER A 819 15.80 -8.07 3.55
C SER A 819 15.78 -7.23 2.26
N GLU A 820 16.85 -7.26 1.47
CA GLU A 820 16.83 -6.56 0.18
C GLU A 820 15.78 -7.13 -0.77
N ILE A 821 15.64 -8.45 -0.76
CA ILE A 821 14.61 -9.13 -1.59
C ILE A 821 13.24 -8.74 -1.06
N LEU A 822 13.06 -8.66 0.24
CA LEU A 822 11.75 -8.21 0.76
C LEU A 822 11.40 -6.81 0.31
N THR A 823 12.39 -5.92 0.29
CA THR A 823 12.16 -4.58 -0.23
C THR A 823 11.75 -4.65 -1.74
N LEU A 824 12.42 -5.49 -2.50
CA LEU A 824 12.12 -5.65 -3.91
C LEU A 824 10.67 -6.18 -4.06
N LYS A 825 10.24 -7.09 -3.19
CA LYS A 825 8.88 -7.67 -3.35
C LYS A 825 7.83 -6.65 -2.98
N THR A 826 8.20 -5.61 -2.24
CA THR A 826 7.19 -4.59 -1.92
C THR A 826 7.21 -3.40 -2.87
N TYR A 827 8.18 -3.37 -3.77
CA TYR A 827 8.25 -2.30 -4.76
C TYR A 827 6.99 -2.23 -5.62
N LEU A 828 6.53 -1.00 -5.87
CA LEU A 828 5.45 -0.80 -6.85
C LEU A 828 5.93 0.15 -7.95
N HIS A 829 5.84 -0.27 -9.20
CA HIS A 829 6.20 0.65 -10.30
C HIS A 829 5.00 1.52 -10.58
N THR A 830 5.09 2.83 -10.29
N THR A 830 5.12 2.80 -10.23
CA THR A 830 3.84 3.67 -10.29
CA THR A 830 4.08 3.69 -10.67
C THR A 830 3.50 4.43 -11.60
C THR A 830 4.70 4.37 -11.86
N TYR A 831 4.53 4.65 -12.44
N TYR A 831 3.86 4.81 -12.76
CA TYR A 831 4.32 5.25 -13.76
CA TYR A 831 4.43 5.37 -13.94
C TYR A 831 3.87 6.71 -13.67
C TYR A 831 4.36 6.87 -13.79
N GLU A 832 4.17 7.33 -12.53
CA GLU A 832 3.92 8.74 -12.28
C GLU A 832 5.22 9.45 -12.69
N SER A 833 5.12 10.67 -13.18
CA SER A 833 6.34 11.44 -13.48
C SER A 833 7.08 11.79 -12.18
N GLU A 834 8.20 12.50 -12.29
CA GLU A 834 9.00 12.86 -11.12
C GLU A 834 8.15 13.51 -10.01
C1 NAG B . -3.90 -8.16 5.90
C2 NAG B . -4.19 -9.40 5.05
C3 NAG B . -5.44 -9.97 5.68
C4 NAG B . -5.22 -10.32 7.14
C5 NAG B . -4.61 -9.14 7.94
C6 NAG B . -4.14 -9.56 9.37
C7 NAG B . -3.78 -9.43 2.65
C8 NAG B . -4.28 -8.99 1.29
N2 NAG B . -4.50 -9.01 3.70
O3 NAG B . -5.76 -11.20 4.96
O4 NAG B . -6.50 -10.51 7.74
O5 NAG B . -3.48 -8.63 7.21
O6 NAG B . -3.26 -10.67 9.26
O7 NAG B . -2.79 -10.18 2.77
C1 NAG B . -6.74 -11.73 8.43
C2 NAG B . -7.92 -11.47 9.39
C3 NAG B . -8.20 -12.81 10.05
C4 NAG B . -8.56 -13.87 8.98
C5 NAG B . -7.56 -14.00 7.82
C6 NAG B . -8.28 -14.71 6.62
C7 NAG B . -7.90 -9.12 10.26
C8 NAG B . -7.42 -8.17 11.37
N2 NAG B . -7.58 -10.42 10.37
O3 NAG B . -9.25 -12.57 10.96
O4 NAG B . -8.63 -15.15 9.57
O5 NAG B . -7.11 -12.69 7.43
O6 NAG B . -9.20 -13.83 5.91
O7 NAG B . -8.52 -8.60 9.33
C1 BMA B . -10.00 -15.44 9.95
C2 BMA B . -10.30 -16.93 9.65
C3 BMA B . -11.64 -17.40 10.23
C4 BMA B . -11.80 -16.94 11.70
C5 BMA B . -11.47 -15.44 11.86
C6 BMA B . -11.53 -14.92 13.30
O2 BMA B . -9.21 -17.66 10.17
O3 BMA B . -11.75 -18.83 10.18
O4 BMA B . -13.14 -17.15 12.08
O5 BMA B . -10.19 -15.12 11.32
O6 BMA B . -11.63 -13.52 13.11
C1 MAN B . -11.80 -12.68 14.29
C2 MAN B . -12.20 -11.24 13.84
C3 MAN B . -10.96 -10.42 13.36
C4 MAN B . -9.82 -10.52 14.39
C5 MAN B . -9.49 -11.99 14.67
C6 MAN B . -8.32 -12.17 15.67
O2 MAN B . -12.89 -10.53 14.85
O3 MAN B . -11.21 -9.04 13.08
O4 MAN B . -8.71 -9.79 13.93
O5 MAN B . -10.67 -12.67 15.15
O6 MAN B . -8.45 -11.31 16.79
C1 MAN B . -12.01 -8.86 11.85
C2 MAN B . -11.64 -7.57 11.10
C3 MAN B . -11.99 -6.35 11.99
C4 MAN B . -13.47 -6.37 12.42
C5 MAN B . -13.99 -7.76 12.78
C6 MAN B . -15.49 -7.83 12.56
O2 MAN B . -12.42 -7.52 9.89
O3 MAN B . -11.81 -5.10 11.32
O4 MAN B . -13.64 -5.41 13.46
O5 MAN B . -13.42 -8.86 12.05
O6 MAN B . -16.00 -8.70 13.54
C1 MAN B . -11.73 -7.95 8.69
C2 MAN B . -12.49 -7.41 7.45
C3 MAN B . -13.78 -8.20 7.23
C4 MAN B . -13.53 -9.71 7.20
C5 MAN B . -12.73 -10.16 8.44
C6 MAN B . -12.40 -11.66 8.42
O2 MAN B . -11.71 -7.52 6.27
O3 MAN B . -14.34 -7.76 6.02
O4 MAN B . -14.76 -10.38 7.11
O5 MAN B . -11.52 -9.37 8.59
O6 MAN B . -12.05 -12.13 9.72
C1 MAN B . -12.60 -19.39 9.14
C2 MAN B . -13.36 -20.62 9.67
C3 MAN B . -12.48 -21.88 9.83
C4 MAN B . -11.62 -22.11 8.58
C5 MAN B . -10.90 -20.80 8.27
C6 MAN B . -9.78 -20.96 7.22
O2 MAN B . -14.44 -20.98 8.80
O3 MAN B . -13.27 -23.01 10.10
O4 MAN B . -10.68 -23.15 8.81
O5 MAN B . -11.86 -19.77 7.97
O6 MAN B . -8.63 -21.46 7.89
C1 MAN B . -15.69 -20.88 9.50
C2 MAN B . -16.65 -22.00 9.05
C3 MAN B . -17.18 -21.71 7.62
C4 MAN B . -17.69 -20.27 7.51
C5 MAN B . -16.65 -19.24 8.02
C6 MAN B . -17.15 -17.80 7.98
O2 MAN B . -17.69 -22.12 10.01
O3 MAN B . -18.15 -22.65 7.15
O4 MAN B . -18.02 -20.01 6.16
O5 MAN B . -16.26 -19.58 9.35
O6 MAN B . -18.23 -17.59 8.89
C11 XFT C . -12.33 9.56 20.90
C13 XFT C . -11.42 9.24 18.63
C15 XFT C . -11.52 11.47 19.65
C16 XFT C . -11.19 10.62 18.54
C17 XFT C . -10.54 11.23 17.36
C19 XFT C . -10.63 13.40 18.60
C22 XFT C . -11.37 6.74 21.17
C23 XFT C . -11.91 5.30 21.38
C25 XFT C . -12.08 4.97 18.94
C26 XFT C . -11.74 6.46 18.69
C27 XFT C . -9.55 13.37 16.39
C28 XFT C . -8.09 12.88 16.33
C1 XFT C . -5.90 10.92 14.95
C2 XFT C . -4.75 10.41 15.63
C3 XFT C . -4.46 9.02 15.60
C4 XFT C . -5.35 8.19 14.88
C5 XFT C . -6.49 8.68 14.21
C6 XFT C . -6.80 10.06 14.23
C7 XFT C . -6.12 12.43 14.92
N8 XFT C . -7.54 12.85 15.04
CL9 XFT C . -7.49 7.60 13.29
CL10 XFT C . -5.03 6.50 14.80
C12 XFT C . -11.96 8.70 19.82
C14 XFT C . -12.11 10.92 20.82
N18 XFT C . -10.27 12.65 17.44
N20 XFT C . -11.22 12.87 19.63
N21 XFT C . -12.05 7.28 19.96
N24 XFT C . -11.52 4.46 20.22
O29 XFT C . -7.41 12.52 17.34
O30 XFT C . -10.21 10.60 16.33
C31 XFT C . -10.37 3.62 20.34
O32 XFT C . -9.57 3.79 21.30
N33 XFT C . -10.14 2.59 19.38
C34 XFT C . -8.97 1.66 19.45
C35 XFT C . -8.69 1.09 20.89
C36 XFT C . -9.53 -0.19 20.97
C37 XFT C . -9.57 -0.76 19.52
C38 XFT C . -9.18 0.40 18.57
O1 MES D . -18.80 14.91 3.27
C2 MES D . -18.59 13.99 4.34
C3 MES D . -17.37 13.11 4.04
N4 MES D . -17.53 12.40 2.72
C5 MES D . -17.88 13.33 1.63
C6 MES D . -19.01 14.31 1.99
C7 MES D . -16.31 11.65 2.36
C8 MES D . -16.33 10.27 3.04
S MES D . -15.07 9.23 2.57
O1S MES D . -13.82 9.65 3.28
O2S MES D . -15.47 7.88 3.02
O3S MES D . -14.96 9.27 1.08
O1 MES E . 28.02 20.00 20.62
C2 MES E . 28.05 19.52 19.26
C3 MES E . 26.63 19.48 18.66
N4 MES E . 25.78 18.66 19.57
C5 MES E . 25.69 19.33 20.89
C6 MES E . 27.09 19.35 21.50
C7 MES E . 24.41 18.47 19.03
C8 MES E . 24.37 17.48 17.84
S MES E . 22.81 17.07 17.38
O1S MES E . 22.80 16.42 16.01
O2S MES E . 22.38 16.10 18.46
O3S MES E . 21.94 18.31 17.27
O1 MES F . -22.20 19.46 31.76
C2 MES F . -21.48 20.71 31.84
C3 MES F . -20.44 20.86 30.71
N4 MES F . -19.54 19.66 30.63
C5 MES F . -20.30 18.37 30.56
C6 MES F . -21.37 18.27 31.67
C7 MES F . -18.62 19.78 29.47
C8 MES F . -17.18 19.99 29.97
S MES F . -16.03 20.03 28.73
O1S MES F . -14.87 20.80 29.28
O2S MES F . -15.76 18.62 28.43
O3S MES F . -16.48 20.80 27.53
C ACT G . -5.89 9.68 -11.46
O ACT G . -4.91 9.03 -11.93
OXT ACT G . -6.07 10.88 -11.77
CH3 ACT G . -6.86 9.03 -10.48
CA CA H . -5.72 13.91 6.84
ZN ZN I . -8.33 16.90 4.63
NA NA J . -14.01 -0.13 -24.14
CA CA K . -9.60 -15.33 -2.37
NA NA L . -14.91 -20.85 -27.34
#